data_6S6F
#
_entry.id   6S6F
#
_cell.length_a   51.014
_cell.length_b   83.195
_cell.length_c   82.713
_cell.angle_alpha   90.000
_cell.angle_beta   101.930
_cell.angle_gamma   90.000
#
_symmetry.space_group_name_H-M   'P 1 21 1'
#
loop_
_entity.id
_entity.type
_entity.pdbx_description
1 polymer 'Citrate synthase'
2 non-polymer GLYCEROL
3 non-polymer 'CHLORIDE ION'
4 water water
#
_entity_poly.entity_id   1
_entity_poly.type   'polypeptide(L)'
_entity_poly.pdbx_seq_one_letter_code
;MAEAKVLSGAGLRGQVAGQTALSTVGQEGAGLTYRGYDVRDLAAAAIFEEVAYLLLYGELPNKQQLDAYLKKLQGQRDLP
QALKEVLERIPKDAHPMDVMRTGASVLGTLEPELSFDQQRDVADRLLAAFPAIMTYWYRFTHEGQRIDCNSDEPTIGGHF
LALLHGKKPSELHVKVMNVSLILYAEHEFNASTFTARVCASTLSDLYSCVTGAIGSLRGPLHGGANEAAMELIERFSSPQ
EATAELLKMLERKDKIMGFGHAIYKDSDPRNEVIKGWSKQLADEVGDKVLFAVSEAIDKTMWEQKKLFPNADFYHASAYH
FMGIPTKLFTPIFVCSRTSGWTAHVFEQRANNRIIRPSAEYTGVEQRAFVPLEQR
;
_entity_poly.pdbx_strand_id   A,B
#
loop_
_chem_comp.id
_chem_comp.type
_chem_comp.name
_chem_comp.formula
CL non-polymer 'CHLORIDE ION' 'Cl -1'
GOL non-polymer GLYCEROL 'C3 H8 O3'
#
# COMPACT_ATOMS: atom_id res chain seq x y z
N VAL A 16 -1.75 -18.98 -10.89
CA VAL A 16 -0.71 -18.39 -11.76
C VAL A 16 -1.06 -16.94 -12.07
N ALA A 17 -0.95 -16.05 -11.10
CA ALA A 17 -1.28 -14.63 -11.34
C ALA A 17 -0.53 -14.06 -12.55
N GLY A 18 0.80 -14.10 -12.55
CA GLY A 18 1.49 -13.41 -13.64
C GLY A 18 2.74 -14.08 -14.10
N GLN A 19 3.47 -13.38 -14.93
CA GLN A 19 4.69 -13.94 -15.50
C GLN A 19 5.86 -13.10 -14.97
N THR A 20 7.01 -13.70 -14.80
CA THR A 20 8.16 -12.88 -14.41
C THR A 20 9.40 -13.41 -15.09
N ALA A 21 10.33 -12.52 -15.36
CA ALA A 21 11.63 -12.93 -15.92
C ALA A 21 12.69 -12.61 -14.89
N LEU A 22 12.26 -12.17 -13.71
CA LEU A 22 13.28 -11.60 -12.81
C LEU A 22 14.04 -12.67 -12.06
N SER A 23 13.36 -13.73 -11.67
CA SER A 23 14.03 -14.69 -10.76
C SER A 23 13.37 -16.07 -10.77
N THR A 24 14.12 -17.11 -10.41
CA THR A 24 13.57 -18.46 -10.21
C THR A 24 14.00 -18.91 -8.84
N VAL A 25 13.15 -19.64 -8.14
CA VAL A 25 13.48 -20.06 -6.77
C VAL A 25 13.28 -21.56 -6.63
N GLY A 26 14.33 -22.28 -6.26
CA GLY A 26 14.22 -23.73 -6.01
C GLY A 26 14.18 -24.56 -7.27
N GLN A 27 14.66 -24.04 -8.38
CA GLN A 27 14.75 -24.84 -9.60
C GLN A 27 16.07 -25.58 -9.63
N GLU A 28 16.17 -26.55 -10.54
CA GLU A 28 17.36 -27.37 -10.62
C GLU A 28 18.56 -26.51 -11.02
N GLY A 29 19.72 -26.83 -10.44
CA GLY A 29 20.91 -26.04 -10.63
C GLY A 29 21.09 -25.03 -9.52
N ALA A 30 21.21 -23.76 -9.89
CA ALA A 30 21.27 -22.68 -8.90
C ALA A 30 19.88 -22.49 -8.30
N GLY A 31 19.78 -22.58 -6.96
CA GLY A 31 18.49 -22.51 -6.29
C GLY A 31 17.86 -21.13 -6.31
N LEU A 32 18.67 -20.08 -6.45
CA LEU A 32 18.14 -18.73 -6.58
C LEU A 32 18.91 -18.04 -7.71
N THR A 33 18.19 -17.61 -8.76
CA THR A 33 18.82 -16.86 -9.84
C THR A 33 18.13 -15.53 -10.01
N TYR A 34 18.91 -14.56 -10.48
CA TYR A 34 18.38 -13.26 -10.87
C TYR A 34 18.71 -13.09 -12.35
N ARG A 35 17.69 -13.01 -13.19
CA ARG A 35 17.85 -13.00 -14.66
C ARG A 35 18.90 -14.02 -15.12
N GLY A 36 18.80 -15.22 -14.58
CA GLY A 36 19.69 -16.35 -14.94
C GLY A 36 20.98 -16.45 -14.15
N TYR A 37 21.43 -15.39 -13.48
CA TYR A 37 22.70 -15.42 -12.72
C TYR A 37 22.50 -16.00 -11.33
N ASP A 38 23.39 -16.91 -10.93
CA ASP A 38 23.36 -17.54 -9.58
C ASP A 38 23.58 -16.45 -8.53
N VAL A 39 22.63 -16.31 -7.60
CA VAL A 39 22.78 -15.25 -6.60
C VAL A 39 24.09 -15.41 -5.82
N ARG A 40 24.58 -16.64 -5.66
CA ARG A 40 25.84 -16.86 -4.94
C ARG A 40 27.03 -16.22 -5.65
N ASP A 41 27.05 -16.25 -6.99
CA ASP A 41 28.15 -15.64 -7.72
C ASP A 41 28.02 -14.12 -7.73
N LEU A 42 26.79 -13.61 -7.79
CA LEU A 42 26.59 -12.16 -7.71
C LEU A 42 27.06 -11.62 -6.38
N ALA A 43 26.66 -12.27 -5.28
CA ALA A 43 27.00 -11.75 -3.96
C ALA A 43 28.50 -11.84 -3.72
N ALA A 44 29.16 -12.81 -4.33
CA ALA A 44 30.62 -12.94 -4.13
C ALA A 44 31.38 -11.82 -4.83
N ALA A 45 30.92 -11.40 -6.00
CA ALA A 45 31.77 -10.68 -6.94
C ALA A 45 31.27 -9.29 -7.29
N ALA A 46 30.04 -8.95 -6.98
CA ALA A 46 29.47 -7.69 -7.43
C ALA A 46 29.16 -6.78 -6.26
N ILE A 47 29.04 -5.46 -6.54
CA ILE A 47 28.40 -4.57 -5.58
C ILE A 47 26.90 -4.55 -5.84
N PHE A 48 26.14 -4.09 -4.84
CA PHE A 48 24.69 -4.13 -4.97
C PHE A 48 24.21 -3.35 -6.20
N GLU A 49 24.83 -2.21 -6.46
CA GLU A 49 24.42 -1.41 -7.64
C GLU A 49 24.47 -2.21 -8.94
N GLU A 50 25.37 -3.19 -9.07
CA GLU A 50 25.39 -3.98 -10.33
C GLU A 50 24.15 -4.87 -10.39
N VAL A 51 23.70 -5.35 -9.24
CA VAL A 51 22.51 -6.25 -9.21
C VAL A 51 21.25 -5.40 -9.35
N ALA A 52 21.23 -4.23 -8.74
CA ALA A 52 20.08 -3.35 -8.97
C ALA A 52 20.00 -2.98 -10.44
N TYR A 53 21.15 -2.74 -11.08
CA TYR A 53 21.14 -2.43 -12.51
C TYR A 53 20.65 -3.61 -13.31
N LEU A 54 21.11 -4.81 -12.98
CA LEU A 54 20.60 -6.02 -13.64
C LEU A 54 19.10 -6.13 -13.52
N LEU A 55 18.57 -5.87 -12.33
CA LEU A 55 17.10 -6.05 -12.18
C LEU A 55 16.32 -4.94 -12.90
N LEU A 56 16.73 -3.70 -12.74
CA LEU A 56 16.00 -2.54 -13.30
C LEU A 56 16.28 -2.35 -14.79
N TYR A 57 17.51 -2.59 -15.24
CA TYR A 57 17.84 -2.27 -16.65
C TYR A 57 17.96 -3.51 -17.53
N GLY A 58 18.04 -4.70 -16.95
CA GLY A 58 17.98 -5.93 -17.74
C GLY A 58 19.27 -6.71 -17.92
N GLU A 59 20.42 -6.11 -17.70
CA GLU A 59 21.69 -6.85 -17.88
C GLU A 59 22.74 -6.36 -16.89
N LEU A 60 23.79 -7.13 -16.71
CA LEU A 60 24.87 -6.64 -15.83
C LEU A 60 25.53 -5.45 -16.52
N PRO A 61 25.86 -4.38 -15.82
CA PRO A 61 26.47 -3.26 -16.46
C PRO A 61 27.95 -3.46 -16.76
N ASN A 62 28.46 -2.74 -17.75
CA ASN A 62 29.91 -2.75 -18.00
C ASN A 62 30.58 -1.68 -17.15
N LYS A 63 31.88 -1.53 -17.25
CA LYS A 63 32.60 -0.56 -16.40
C LYS A 63 32.08 0.86 -16.61
N GLN A 64 31.81 1.25 -17.84
CA GLN A 64 31.38 2.64 -18.10
C GLN A 64 29.98 2.84 -17.54
N GLN A 65 29.12 1.86 -17.76
CA GLN A 65 27.71 1.91 -17.30
C GLN A 65 27.67 1.91 -15.76
N LEU A 66 28.45 1.05 -15.13
CA LEU A 66 28.44 1.03 -13.65
C LEU A 66 29.01 2.34 -13.10
N ASP A 67 30.09 2.84 -13.67
CA ASP A 67 30.64 4.12 -13.17
C ASP A 67 29.57 5.22 -13.32
N ALA A 68 28.85 5.22 -14.42
CA ALA A 68 27.83 6.26 -14.64
C ALA A 68 26.65 6.08 -13.68
N TYR A 69 26.30 4.85 -13.39
CA TYR A 69 25.14 4.57 -12.50
C TYR A 69 25.50 4.98 -11.08
N LEU A 70 26.71 4.67 -10.64
CA LEU A 70 27.17 5.08 -9.31
C LEU A 70 27.15 6.60 -9.21
N LYS A 71 27.64 7.30 -10.24
CA LYS A 71 27.62 8.78 -10.14
C LYS A 71 26.18 9.27 -10.05
N LYS A 72 25.28 8.69 -10.83
CA LYS A 72 23.84 9.06 -10.80
C LYS A 72 23.26 8.84 -9.39
N LEU A 73 23.41 7.64 -8.86
CA LEU A 73 22.85 7.31 -7.51
C LEU A 73 23.53 8.14 -6.44
N GLN A 74 24.82 8.46 -6.58
CA GLN A 74 25.47 9.33 -5.58
C GLN A 74 24.84 10.72 -5.54
N GLY A 75 24.30 11.23 -6.64
CA GLY A 75 23.64 12.54 -6.65
C GLY A 75 22.18 12.49 -6.25
N GLN A 76 21.66 11.32 -5.89
CA GLN A 76 20.23 11.16 -5.49
C GLN A 76 20.12 10.70 -4.02
N ARG A 77 21.15 10.92 -3.21
CA ARG A 77 21.10 10.44 -1.82
C ARG A 77 20.47 11.45 -0.85
N ASP A 78 20.44 12.72 -1.20
CA ASP A 78 20.06 13.74 -0.22
C ASP A 78 18.54 13.85 -0.13
N LEU A 79 18.06 14.27 1.05
CA LEU A 79 16.61 14.40 1.16
C LEU A 79 16.16 15.85 1.04
N PRO A 80 15.04 16.10 0.36
CA PRO A 80 14.49 17.46 0.33
C PRO A 80 14.21 17.97 1.74
N GLN A 81 14.35 19.29 1.92
CA GLN A 81 14.13 19.89 3.24
C GLN A 81 12.74 19.55 3.79
N ALA A 82 11.70 19.57 2.94
CA ALA A 82 10.36 19.28 3.44
C ALA A 82 10.28 17.87 3.97
N LEU A 83 10.99 16.93 3.32
CA LEU A 83 10.99 15.56 3.84
C LEU A 83 11.73 15.47 5.16
N LYS A 84 12.87 16.16 5.29
CA LYS A 84 13.57 16.12 6.58
C LYS A 84 12.64 16.62 7.68
N GLU A 85 11.88 17.70 7.39
CA GLU A 85 10.99 18.26 8.40
C GLU A 85 9.87 17.29 8.75
N VAL A 86 9.37 16.53 7.77
CA VAL A 86 8.37 15.52 8.07
C VAL A 86 8.95 14.43 8.98
N LEU A 87 10.14 13.92 8.64
CA LEU A 87 10.75 12.86 9.44
C LEU A 87 10.98 13.28 10.88
N GLU A 88 11.27 14.56 11.09
CA GLU A 88 11.45 15.07 12.45
C GLU A 88 10.17 15.01 13.27
N ARG A 89 9.01 14.86 12.64
CA ARG A 89 7.76 14.82 13.37
C ARG A 89 7.29 13.41 13.63
N ILE A 90 8.02 12.42 13.12
CA ILE A 90 7.67 11.02 13.42
C ILE A 90 8.27 10.65 14.76
N PRO A 91 7.46 10.17 15.69
CA PRO A 91 7.95 9.93 17.06
C PRO A 91 9.12 8.95 17.11
N LYS A 92 9.94 9.12 18.16
CA LYS A 92 11.06 8.22 18.39
C LYS A 92 10.59 6.77 18.47
N ASP A 93 9.42 6.53 19.06
CA ASP A 93 9.00 5.15 19.27
C ASP A 93 8.17 4.59 18.12
N ALA A 94 8.13 5.27 16.99
CA ALA A 94 7.41 4.76 15.83
C ALA A 94 8.05 3.47 15.33
N HIS A 95 7.23 2.61 14.76
CA HIS A 95 7.75 1.45 14.04
C HIS A 95 8.64 1.92 12.90
N PRO A 96 9.90 1.50 12.83
CA PRO A 96 10.78 1.99 11.74
C PRO A 96 10.21 1.69 10.35
N MET A 97 9.40 0.64 10.19
CA MET A 97 8.80 0.40 8.87
C MET A 97 7.79 1.47 8.51
N ASP A 98 7.13 2.08 9.52
CA ASP A 98 6.23 3.19 9.24
C ASP A 98 7.00 4.45 8.82
N VAL A 99 8.24 4.56 9.25
CA VAL A 99 9.12 5.67 8.82
C VAL A 99 9.44 5.47 7.33
N MET A 100 9.74 4.24 6.95
CA MET A 100 10.06 3.94 5.54
C MET A 100 8.80 4.18 4.70
N ARG A 101 7.67 3.71 5.18
CA ARG A 101 6.38 3.90 4.46
C ARG A 101 6.10 5.39 4.31
N THR A 102 6.26 6.14 5.39
CA THR A 102 5.95 7.56 5.34
C THR A 102 6.91 8.31 4.44
N GLY A 103 8.17 7.90 4.46
CA GLY A 103 9.18 8.60 3.64
C GLY A 103 8.91 8.39 2.16
N ALA A 104 8.59 7.18 1.78
CA ALA A 104 8.24 6.89 0.37
C ALA A 104 7.00 7.69 -0.01
N SER A 105 6.01 7.74 0.86
CA SER A 105 4.76 8.45 0.55
C SER A 105 5.03 9.94 0.36
N VAL A 106 5.81 10.52 1.26
CA VAL A 106 6.03 11.96 1.16
C VAL A 106 6.91 12.27 -0.04
N LEU A 107 7.93 11.45 -0.29
CA LEU A 107 8.76 11.69 -1.47
C LEU A 107 7.94 11.64 -2.75
N GLY A 108 6.86 10.84 -2.78
CA GLY A 108 6.04 10.85 -3.99
C GLY A 108 5.33 12.16 -4.26
N THR A 109 5.09 12.98 -3.23
CA THR A 109 4.47 14.29 -3.41
C THR A 109 5.48 15.36 -3.73
N LEU A 110 6.75 15.12 -3.47
CA LEU A 110 7.78 16.12 -3.75
C LEU A 110 8.40 15.94 -5.11
N GLU A 111 8.58 14.70 -5.53
CA GLU A 111 9.26 14.35 -6.78
C GLU A 111 8.38 13.34 -7.50
N PRO A 112 7.20 13.75 -7.97
CA PRO A 112 6.25 12.76 -8.47
C PRO A 112 6.71 12.03 -9.73
N GLU A 113 6.18 10.83 -9.86
CA GLU A 113 6.27 10.06 -11.10
C GLU A 113 5.16 10.53 -12.01
N LEU A 114 5.46 11.51 -12.87
CA LEU A 114 4.40 12.08 -13.69
C LEU A 114 4.13 11.28 -14.94
N SER A 115 5.05 10.40 -15.33
CA SER A 115 4.80 9.48 -16.43
C SER A 115 5.58 8.19 -16.17
N PHE A 116 5.10 7.06 -16.72
CA PHE A 116 5.89 5.84 -16.60
C PHE A 116 7.24 5.95 -17.29
N ASP A 117 7.44 6.94 -18.17
CA ASP A 117 8.77 7.17 -18.75
C ASP A 117 9.81 7.43 -17.67
N GLN A 118 9.39 7.99 -16.54
CA GLN A 118 10.29 8.24 -15.41
C GLN A 118 10.54 7.03 -14.51
N GLN A 119 9.89 5.90 -14.77
CA GLN A 119 9.87 4.78 -13.78
C GLN A 119 11.25 4.36 -13.25
N ARG A 120 12.23 4.16 -14.12
CA ARG A 120 13.55 3.68 -13.63
C ARG A 120 14.24 4.79 -12.86
N ASP A 121 14.03 6.05 -13.23
CA ASP A 121 14.65 7.17 -12.49
C ASP A 121 14.08 7.21 -11.07
N VAL A 122 12.79 7.00 -10.93
CA VAL A 122 12.13 7.01 -9.60
C VAL A 122 12.63 5.81 -8.79
N ALA A 123 12.80 4.66 -9.41
CA ALA A 123 13.30 3.48 -8.66
C ALA A 123 14.70 3.77 -8.14
N ASP A 124 15.53 4.38 -8.99
CA ASP A 124 16.91 4.76 -8.60
C ASP A 124 16.85 5.74 -7.44
N ARG A 125 15.95 6.70 -7.48
CA ARG A 125 15.86 7.70 -6.39
C ARG A 125 15.51 6.99 -5.09
N LEU A 126 14.58 6.04 -5.13
CA LEU A 126 14.19 5.36 -3.87
C LEU A 126 15.36 4.53 -3.36
N LEU A 127 16.09 3.88 -4.26
CA LEU A 127 17.24 3.07 -3.81
C LEU A 127 18.30 3.97 -3.19
N ALA A 128 18.52 5.14 -3.76
CA ALA A 128 19.55 6.04 -3.23
C ALA A 128 19.12 6.78 -1.97
N ALA A 129 17.83 7.09 -1.84
CA ALA A 129 17.33 7.90 -0.71
C ALA A 129 16.92 7.07 0.52
N PHE A 130 16.51 5.81 0.34
CA PHE A 130 16.01 5.01 1.49
C PHE A 130 16.99 5.01 2.66
N PRO A 131 18.30 4.81 2.45
CA PRO A 131 19.23 4.82 3.58
C PRO A 131 19.16 6.11 4.39
N ALA A 132 19.03 7.27 3.73
CA ALA A 132 18.94 8.54 4.46
C ALA A 132 17.57 8.68 5.11
N ILE A 133 16.50 8.23 4.48
CA ILE A 133 15.18 8.31 5.16
C ILE A 133 15.27 7.57 6.50
N MET A 134 15.81 6.36 6.49
CA MET A 134 15.94 5.58 7.73
C MET A 134 16.86 6.25 8.76
N THR A 135 18.05 6.65 8.36
CA THR A 135 19.06 7.13 9.33
C THR A 135 18.81 8.57 9.75
N TYR A 136 18.32 9.42 8.85
CA TYR A 136 18.01 10.77 9.29
C TYR A 136 16.96 10.75 10.40
N TRP A 137 15.87 9.98 10.21
CA TRP A 137 14.89 9.82 11.27
C TRP A 137 15.54 9.23 12.52
N TYR A 138 16.32 8.18 12.33
CA TYR A 138 16.81 7.43 13.48
C TYR A 138 17.73 8.28 14.32
N ARG A 139 18.71 8.92 13.68
N ARG A 139 18.69 8.94 13.68
CA ARG A 139 19.67 9.70 14.44
CA ARG A 139 19.67 9.71 14.44
C ARG A 139 19.06 10.99 14.99
C ARG A 139 19.10 11.03 14.96
N PHE A 140 18.06 11.57 14.31
CA PHE A 140 17.40 12.75 14.89
C PHE A 140 16.68 12.39 16.18
N THR A 141 15.95 11.26 16.17
CA THR A 141 15.08 10.93 17.28
C THR A 141 15.81 10.14 18.35
N HIS A 142 16.86 9.42 17.99
CA HIS A 142 17.56 8.63 18.99
C HIS A 142 18.89 9.24 19.44
N GLU A 143 19.43 10.20 18.71
CA GLU A 143 20.72 10.80 19.09
C GLU A 143 20.67 12.32 19.04
N GLY A 144 19.50 12.91 18.91
CA GLY A 144 19.35 14.36 18.85
C GLY A 144 20.18 15.10 17.84
N GLN A 145 20.49 14.48 16.70
CA GLN A 145 21.36 15.07 15.70
C GLN A 145 20.65 15.13 14.35
N ARG A 146 20.78 16.26 13.64
CA ARG A 146 20.35 16.35 12.24
C ARG A 146 21.54 16.05 11.34
N ILE A 147 21.50 14.93 10.62
CA ILE A 147 22.72 14.47 9.94
C ILE A 147 22.74 14.97 8.50
N ASP A 148 23.95 15.11 7.97
CA ASP A 148 24.17 15.24 6.53
C ASP A 148 23.81 13.93 5.84
N CYS A 149 23.00 14.02 4.81
CA CYS A 149 22.50 12.82 4.16
C CYS A 149 23.42 12.32 3.04
N ASN A 150 24.51 13.02 2.76
CA ASN A 150 25.54 12.56 1.84
C ASN A 150 26.70 11.95 2.61
N SER A 151 27.48 11.12 1.92
CA SER A 151 28.65 10.50 2.52
C SER A 151 29.69 10.34 1.42
N ASP A 152 30.90 9.97 1.83
CA ASP A 152 31.99 9.73 0.90
C ASP A 152 32.02 8.30 0.38
N GLU A 153 31.08 7.46 0.82
CA GLU A 153 31.09 6.07 0.39
C GLU A 153 30.55 5.95 -1.03
N PRO A 154 31.23 5.26 -1.91
CA PRO A 154 30.72 5.12 -3.27
C PRO A 154 29.50 4.22 -3.38
N THR A 155 29.35 3.22 -2.50
CA THR A 155 28.25 2.26 -2.63
C THR A 155 27.13 2.52 -1.63
N ILE A 156 25.91 2.14 -2.03
CA ILE A 156 24.75 2.20 -1.15
C ILE A 156 25.02 1.51 0.19
N GLY A 157 25.66 0.32 0.15
CA GLY A 157 25.88 -0.43 1.37
C GLY A 157 26.83 0.30 2.32
N GLY A 158 27.88 0.90 1.77
CA GLY A 158 28.79 1.67 2.60
C GLY A 158 28.15 2.96 3.07
N HIS A 159 27.38 3.60 2.19
CA HIS A 159 26.71 4.85 2.51
C HIS A 159 25.78 4.65 3.70
N PHE A 160 25.03 3.54 3.72
CA PHE A 160 24.12 3.28 4.81
C PHE A 160 24.88 3.25 6.13
N LEU A 161 26.00 2.51 6.18
CA LEU A 161 26.76 2.41 7.42
C LEU A 161 27.38 3.75 7.83
N ALA A 162 27.87 4.52 6.85
CA ALA A 162 28.42 5.84 7.11
C ALA A 162 27.36 6.74 7.77
N LEU A 163 26.12 6.71 7.26
CA LEU A 163 25.06 7.54 7.83
C LEU A 163 24.61 7.04 9.20
N LEU A 164 24.50 5.70 9.36
CA LEU A 164 23.97 5.14 10.61
C LEU A 164 24.88 5.44 11.78
N HIS A 165 26.19 5.28 11.57
CA HIS A 165 27.16 5.39 12.65
C HIS A 165 27.89 6.72 12.67
N GLY A 166 27.81 7.49 11.61
CA GLY A 166 28.54 8.74 11.46
C GLY A 166 30.05 8.59 11.42
N LYS A 167 30.55 7.48 10.88
CA LYS A 167 31.98 7.24 10.78
C LYS A 167 32.24 6.44 9.52
N LYS A 168 33.47 6.47 9.04
CA LYS A 168 33.85 5.66 7.88
C LYS A 168 33.78 4.17 8.27
N PRO A 169 32.95 3.36 7.62
CA PRO A 169 32.94 1.93 7.95
C PRO A 169 34.15 1.18 7.39
N SER A 170 34.50 0.09 8.08
CA SER A 170 35.59 -0.75 7.62
C SER A 170 35.23 -1.41 6.28
N GLU A 171 36.28 -1.77 5.54
CA GLU A 171 36.08 -2.39 4.23
C GLU A 171 35.28 -3.68 4.35
N LEU A 172 35.48 -4.43 5.44
CA LEU A 172 34.75 -5.68 5.63
C LEU A 172 33.26 -5.39 5.79
N HIS A 173 32.92 -4.41 6.62
CA HIS A 173 31.52 -4.07 6.83
C HIS A 173 30.87 -3.58 5.54
N VAL A 174 31.60 -2.80 4.75
CA VAL A 174 31.07 -2.34 3.47
C VAL A 174 30.78 -3.53 2.56
N LYS A 175 31.69 -4.50 2.54
CA LYS A 175 31.49 -5.70 1.75
C LYS A 175 30.26 -6.48 2.19
N VAL A 176 30.11 -6.69 3.51
CA VAL A 176 29.00 -7.54 3.95
C VAL A 176 27.66 -6.83 3.75
N MET A 177 27.63 -5.50 3.88
CA MET A 177 26.41 -4.78 3.50
C MET A 177 26.08 -5.01 2.05
N ASN A 178 27.08 -4.89 1.16
CA ASN A 178 26.82 -5.16 -0.24
C ASN A 178 26.33 -6.60 -0.47
N VAL A 179 26.93 -7.56 0.21
CA VAL A 179 26.46 -8.96 0.09
C VAL A 179 24.99 -9.08 0.53
N SER A 180 24.66 -8.48 1.66
CA SER A 180 23.30 -8.60 2.20
C SER A 180 22.28 -8.00 1.22
N LEU A 181 22.58 -6.79 0.74
CA LEU A 181 21.63 -6.14 -0.20
C LEU A 181 21.40 -7.02 -1.43
N ILE A 182 22.45 -7.65 -1.92
CA ILE A 182 22.29 -8.54 -3.07
C ILE A 182 21.43 -9.75 -2.68
N LEU A 183 21.73 -10.39 -1.55
CA LEU A 183 21.03 -11.65 -1.18
C LEU A 183 19.53 -11.43 -1.01
N TYR A 184 19.13 -10.24 -0.58
CA TYR A 184 17.69 -10.06 -0.31
C TYR A 184 16.95 -9.35 -1.46
N ALA A 185 17.70 -8.96 -2.49
CA ALA A 185 17.19 -8.06 -3.55
C ALA A 185 15.88 -8.52 -4.18
N GLU A 186 15.71 -9.82 -4.37
CA GLU A 186 14.54 -10.29 -5.11
C GLU A 186 14.23 -11.73 -4.73
N HIS A 187 12.96 -12.07 -4.67
CA HIS A 187 12.59 -13.46 -4.32
C HIS A 187 11.25 -13.86 -4.95
N GLU A 188 11.11 -13.61 -6.24
CA GLU A 188 9.91 -14.03 -6.99
C GLU A 188 8.58 -13.48 -6.44
N PHE A 189 7.62 -14.35 -6.25
CA PHE A 189 6.31 -13.89 -5.76
C PHE A 189 6.30 -14.19 -4.28
N ASN A 190 5.69 -13.28 -3.55
CA ASN A 190 5.52 -13.28 -2.08
C ASN A 190 4.52 -12.18 -1.72
N ALA A 191 4.15 -12.06 -0.45
CA ALA A 191 3.12 -11.09 -0.08
C ALA A 191 3.42 -9.65 -0.53
N SER A 192 4.62 -9.16 -0.27
CA SER A 192 4.92 -7.74 -0.62
C SER A 192 5.09 -7.54 -2.13
N THR A 193 5.75 -8.46 -2.80
CA THR A 193 5.86 -8.32 -4.25
C THR A 193 4.46 -8.39 -4.89
N PHE A 194 3.62 -9.28 -4.38
CA PHE A 194 2.24 -9.38 -4.91
C PHE A 194 1.49 -8.08 -4.67
N THR A 195 1.60 -7.52 -3.47
CA THR A 195 0.93 -6.24 -3.16
C THR A 195 1.42 -5.19 -4.16
N ALA A 196 2.71 -5.15 -4.44
CA ALA A 196 3.23 -4.12 -5.36
C ALA A 196 2.62 -4.32 -6.75
N ARG A 197 2.45 -5.57 -7.16
CA ARG A 197 1.89 -5.89 -8.48
C ARG A 197 0.38 -5.61 -8.53
N VAL A 198 -0.34 -5.85 -7.45
CA VAL A 198 -1.80 -5.55 -7.48
C VAL A 198 -1.96 -4.04 -7.65
N CYS A 199 -1.20 -3.30 -6.87
CA CYS A 199 -1.23 -1.82 -6.99
C CYS A 199 -0.82 -1.40 -8.41
N ALA A 200 0.24 -2.02 -8.93
CA ALA A 200 0.70 -1.64 -10.27
C ALA A 200 -0.38 -1.93 -11.32
N SER A 201 -1.17 -2.97 -11.08
CA SER A 201 -2.21 -3.43 -12.04
C SER A 201 -3.32 -2.38 -12.23
N THR A 202 -3.45 -1.43 -11.33
CA THR A 202 -4.46 -0.37 -11.51
C THR A 202 -3.86 0.83 -12.26
N LEU A 203 -2.60 0.75 -12.63
CA LEU A 203 -1.79 1.80 -13.27
C LEU A 203 -1.53 2.93 -12.28
N SER A 204 -1.35 2.56 -11.01
CA SER A 204 -0.97 3.55 -9.98
C SER A 204 0.52 3.91 -10.10
N ASP A 205 0.92 4.91 -9.37
CA ASP A 205 2.31 5.35 -9.52
C ASP A 205 3.27 4.49 -8.69
N LEU A 206 4.57 4.72 -8.94
CA LEU A 206 5.52 3.77 -8.39
C LEU A 206 5.62 3.92 -6.88
N TYR A 207 5.49 5.16 -6.39
CA TYR A 207 5.55 5.38 -4.96
C TYR A 207 4.43 4.64 -4.24
N SER A 208 3.21 4.63 -4.84
CA SER A 208 2.13 3.89 -4.24
C SER A 208 2.44 2.39 -4.15
N CYS A 209 3.05 1.82 -5.19
CA CYS A 209 3.30 0.36 -5.18
C CYS A 209 4.33 0.01 -4.09
N VAL A 210 5.33 0.85 -3.92
CA VAL A 210 6.36 0.60 -2.88
C VAL A 210 5.78 0.85 -1.49
N THR A 211 4.98 1.91 -1.34
CA THR A 211 4.35 2.19 -0.03
C THR A 211 3.49 0.99 0.36
N GLY A 212 2.75 0.45 -0.59
CA GLY A 212 1.91 -0.70 -0.28
C GLY A 212 2.72 -1.92 0.09
N ALA A 213 3.79 -2.17 -0.66
CA ALA A 213 4.65 -3.34 -0.40
C ALA A 213 5.28 -3.24 0.99
N ILE A 214 5.72 -2.07 1.39
CA ILE A 214 6.29 -1.86 2.75
C ILE A 214 5.25 -2.22 3.82
N GLY A 215 4.02 -1.78 3.60
CA GLY A 215 2.95 -2.09 4.56
C GLY A 215 2.75 -3.60 4.69
N SER A 216 2.79 -4.33 3.58
CA SER A 216 2.61 -5.77 3.73
C SER A 216 3.83 -6.43 4.40
N LEU A 217 5.04 -5.92 4.11
CA LEU A 217 6.25 -6.44 4.73
C LEU A 217 6.29 -6.16 6.23
N ARG A 218 5.60 -5.11 6.68
CA ARG A 218 5.51 -4.82 8.11
C ARG A 218 4.82 -5.92 8.92
N GLY A 219 3.93 -6.71 8.29
CA GLY A 219 3.18 -7.76 8.98
C GLY A 219 4.12 -8.88 9.40
N PRO A 220 3.97 -9.35 10.63
CA PRO A 220 4.94 -10.34 11.18
C PRO A 220 4.89 -11.72 10.52
N LEU A 221 3.85 -12.06 9.74
CA LEU A 221 3.90 -13.30 8.97
C LEU A 221 4.72 -13.20 7.68
N HIS A 222 5.21 -12.01 7.35
CA HIS A 222 6.01 -11.80 6.14
C HIS A 222 7.36 -11.19 6.47
N GLY A 223 7.37 -10.04 7.14
CA GLY A 223 8.59 -9.36 7.50
C GLY A 223 9.02 -9.72 8.95
N GLY A 224 10.27 -9.38 9.28
CA GLY A 224 10.76 -9.46 10.65
C GLY A 224 11.43 -10.78 11.05
N ALA A 225 11.61 -11.72 10.13
CA ALA A 225 12.17 -13.03 10.55
C ALA A 225 13.62 -12.89 11.02
N ASN A 226 14.41 -12.03 10.39
CA ASN A 226 15.80 -11.91 10.90
C ASN A 226 15.82 -11.22 12.28
N GLU A 227 14.84 -10.39 12.59
CA GLU A 227 14.75 -9.80 13.96
C GLU A 227 14.37 -10.88 14.96
N ALA A 228 13.44 -11.75 14.58
CA ALA A 228 13.08 -12.83 15.49
C ALA A 228 14.24 -13.80 15.68
N ALA A 229 15.03 -14.02 14.63
CA ALA A 229 16.24 -14.83 14.80
C ALA A 229 17.20 -14.17 15.80
N MET A 230 17.36 -12.84 15.71
CA MET A 230 18.19 -12.11 16.66
C MET A 230 17.70 -12.29 18.08
N GLU A 231 16.39 -12.22 18.29
CA GLU A 231 15.83 -12.40 19.63
C GLU A 231 16.04 -13.80 20.17
N LEU A 232 16.19 -14.81 19.29
CA LEU A 232 16.52 -16.15 19.74
C LEU A 232 18.00 -16.25 20.13
N ILE A 233 18.91 -15.84 19.24
CA ILE A 233 20.32 -16.12 19.51
C ILE A 233 20.87 -15.26 20.64
N GLU A 234 20.28 -14.07 20.88
CA GLU A 234 20.81 -13.15 21.90
C GLU A 234 20.53 -13.64 23.31
N ARG A 235 19.65 -14.64 23.46
CA ARG A 235 19.28 -15.16 24.77
C ARG A 235 20.42 -15.85 25.48
N PHE A 236 21.36 -16.42 24.73
CA PHE A 236 22.20 -17.48 25.28
C PHE A 236 23.63 -17.00 25.54
N SER A 237 24.16 -17.35 26.71
CA SER A 237 25.49 -16.93 27.10
C SER A 237 26.58 -17.85 26.59
N SER A 238 26.24 -19.04 26.11
CA SER A 238 27.25 -19.96 25.58
C SER A 238 26.59 -20.92 24.59
N PRO A 239 27.40 -21.54 23.71
CA PRO A 239 26.83 -22.55 22.81
C PRO A 239 26.28 -23.77 23.54
N GLN A 240 26.88 -24.15 24.67
CA GLN A 240 26.30 -25.25 25.44
C GLN A 240 24.90 -24.90 25.94
N GLU A 241 24.73 -23.69 26.48
CA GLU A 241 23.41 -23.31 26.95
C GLU A 241 22.40 -23.25 25.80
N ALA A 242 22.82 -22.70 24.66
CA ALA A 242 21.94 -22.63 23.49
C ALA A 242 21.48 -24.02 23.06
N THR A 243 22.42 -24.96 23.00
CA THR A 243 22.11 -26.33 22.63
C THR A 243 21.12 -26.95 23.62
N ALA A 244 21.39 -26.79 24.92
CA ALA A 244 20.51 -27.35 25.95
C ALA A 244 19.10 -26.77 25.87
N GLU A 245 18.98 -25.45 25.63
CA GLU A 245 17.65 -24.85 25.57
C GLU A 245 16.95 -25.18 24.25
N LEU A 246 17.72 -25.26 23.15
CA LEU A 246 17.14 -25.64 21.86
C LEU A 246 16.57 -27.04 21.88
N LEU A 247 17.28 -28.00 22.49
CA LEU A 247 16.73 -29.35 22.58
C LEU A 247 15.45 -29.35 23.41
N LYS A 248 15.36 -28.49 24.43
CA LYS A 248 14.10 -28.32 25.16
C LYS A 248 13.01 -27.76 24.25
N MET A 249 13.31 -26.71 23.49
CA MET A 249 12.30 -26.14 22.60
C MET A 249 11.87 -27.15 21.54
N LEU A 250 12.82 -27.95 21.02
CA LEU A 250 12.47 -28.92 19.99
C LEU A 250 11.54 -30.00 20.54
N GLU A 251 11.73 -30.39 21.80
CA GLU A 251 10.82 -31.36 22.41
C GLU A 251 9.40 -30.81 22.48
N ARG A 252 9.25 -29.52 22.79
CA ARG A 252 7.93 -28.88 22.78
C ARG A 252 7.45 -28.50 21.38
N LYS A 253 8.16 -28.92 20.34
CA LYS A 253 7.81 -28.60 18.95
C LYS A 253 7.64 -27.09 18.74
N ASP A 254 8.38 -26.29 19.49
CA ASP A 254 8.48 -24.86 19.21
C ASP A 254 8.97 -24.64 17.78
N LYS A 255 8.45 -23.60 17.13
CA LYS A 255 8.99 -23.20 15.84
C LYS A 255 10.30 -22.46 16.07
N ILE A 256 11.34 -22.84 15.32
CA ILE A 256 12.66 -22.25 15.45
C ILE A 256 12.80 -21.20 14.36
N MET A 257 12.86 -19.93 14.77
CA MET A 257 12.97 -18.86 13.80
C MET A 257 14.27 -18.98 13.02
N GLY A 258 14.17 -18.84 11.71
CA GLY A 258 15.33 -18.81 10.82
C GLY A 258 15.67 -20.14 10.19
N PHE A 259 14.83 -21.15 10.38
CA PHE A 259 15.07 -22.49 9.85
C PHE A 259 13.93 -22.92 8.94
N GLY A 260 14.32 -23.63 7.88
CA GLY A 260 13.37 -24.19 6.96
C GLY A 260 12.95 -23.19 5.89
N HIS A 261 12.18 -23.71 4.95
CA HIS A 261 11.71 -22.86 3.87
C HIS A 261 10.54 -23.55 3.20
N ALA A 262 9.60 -22.74 2.73
CA ALA A 262 8.44 -23.31 2.05
C ALA A 262 8.80 -23.85 0.67
N ILE A 263 9.95 -23.45 0.09
CA ILE A 263 10.30 -23.80 -1.28
C ILE A 263 11.61 -24.57 -1.34
N TYR A 264 12.67 -24.01 -0.77
CA TYR A 264 13.99 -24.69 -0.84
C TYR A 264 13.89 -26.06 -0.19
N LYS A 265 14.47 -27.04 -0.87
CA LYS A 265 14.44 -28.46 -0.45
C LYS A 265 15.60 -28.85 0.48
N ASP A 266 16.85 -28.50 0.19
CA ASP A 266 17.93 -28.97 1.10
C ASP A 266 18.78 -27.82 1.62
N SER A 267 18.76 -26.69 0.95
CA SER A 267 19.55 -25.54 1.44
C SER A 267 18.97 -24.25 0.85
N ASP A 268 19.02 -23.20 1.64
CA ASP A 268 18.72 -21.87 1.11
C ASP A 268 20.04 -21.32 0.58
N PRO A 269 20.19 -21.06 -0.71
CA PRO A 269 21.50 -20.60 -1.21
C PRO A 269 21.99 -19.33 -0.54
N ARG A 270 21.11 -18.52 0.00
CA ARG A 270 21.54 -17.27 0.60
C ARG A 270 22.20 -17.52 1.94
N ASN A 271 21.80 -18.61 2.61
CA ASN A 271 22.39 -18.96 3.90
C ASN A 271 23.88 -19.25 3.76
N GLU A 272 24.27 -20.04 2.76
CA GLU A 272 25.68 -20.40 2.69
C GLU A 272 26.54 -19.16 2.52
N VAL A 273 26.04 -18.16 1.79
CA VAL A 273 26.82 -16.95 1.59
C VAL A 273 26.93 -16.16 2.89
N ILE A 274 25.77 -15.85 3.51
CA ILE A 274 25.85 -14.90 4.63
C ILE A 274 26.54 -15.54 5.84
N LYS A 275 26.38 -16.86 6.03
CA LYS A 275 27.08 -17.55 7.14
C LYS A 275 28.59 -17.28 7.13
N GLY A 276 29.24 -17.40 5.97
CA GLY A 276 30.66 -17.15 5.90
C GLY A 276 31.06 -15.71 6.17
N TRP A 277 30.22 -14.75 5.76
CA TRP A 277 30.48 -13.35 6.06
C TRP A 277 30.21 -13.02 7.52
N SER A 278 29.19 -13.64 8.11
CA SER A 278 28.98 -13.48 9.54
C SER A 278 30.21 -13.97 10.33
N LYS A 279 30.79 -15.09 9.91
CA LYS A 279 31.94 -15.65 10.61
C LYS A 279 33.13 -14.71 10.56
N GLN A 280 33.35 -14.09 9.39
CA GLN A 280 34.41 -13.07 9.27
C GLN A 280 34.14 -11.86 10.15
N LEU A 281 32.89 -11.37 10.19
CA LEU A 281 32.58 -10.23 11.06
C LEU A 281 32.83 -10.57 12.54
N ALA A 282 32.42 -11.76 12.97
CA ALA A 282 32.62 -12.17 14.35
C ALA A 282 34.11 -12.13 14.73
N ASP A 283 34.98 -12.55 13.82
CA ASP A 283 36.41 -12.45 14.04
C ASP A 283 36.87 -10.99 14.13
N GLU A 284 36.42 -10.15 13.21
CA GLU A 284 36.89 -8.77 13.19
C GLU A 284 36.49 -8.03 14.47
N VAL A 285 35.30 -8.29 14.98
CA VAL A 285 34.80 -7.58 16.19
C VAL A 285 35.18 -8.29 17.50
N GLY A 286 35.78 -9.47 17.42
CA GLY A 286 36.22 -10.19 18.62
C GLY A 286 35.08 -10.80 19.40
N ASP A 287 34.06 -11.23 18.67
CA ASP A 287 32.90 -11.88 19.29
C ASP A 287 33.34 -13.23 19.86
N LYS A 288 32.89 -13.57 21.05
CA LYS A 288 33.25 -14.92 21.57
C LYS A 288 31.98 -15.76 21.79
N VAL A 289 30.79 -15.21 21.53
CA VAL A 289 29.55 -15.94 21.91
C VAL A 289 28.51 -16.04 20.79
N LEU A 290 28.25 -14.94 20.09
CA LEU A 290 27.09 -14.92 19.16
C LEU A 290 27.22 -15.85 17.96
N PHE A 291 28.38 -15.88 17.34
CA PHE A 291 28.51 -16.78 16.18
C PHE A 291 28.50 -18.23 16.65
N ALA A 292 29.23 -18.52 17.71
CA ALA A 292 29.31 -19.90 18.25
C ALA A 292 27.92 -20.39 18.64
N VAL A 293 27.14 -19.53 19.25
CA VAL A 293 25.74 -19.86 19.61
C VAL A 293 24.98 -20.12 18.30
N SER A 294 25.15 -19.28 17.30
CA SER A 294 24.41 -19.50 16.05
C SER A 294 24.79 -20.84 15.42
N GLU A 295 26.10 -21.18 15.42
CA GLU A 295 26.55 -22.42 14.82
C GLU A 295 26.06 -23.64 15.61
N ALA A 296 26.03 -23.55 16.94
CA ALA A 296 25.46 -24.65 17.73
C ALA A 296 24.00 -24.90 17.38
N ILE A 297 23.22 -23.83 17.22
CA ILE A 297 21.81 -24.00 16.90
C ILE A 297 21.66 -24.62 15.51
N ASP A 298 22.45 -24.10 14.57
CA ASP A 298 22.54 -24.63 13.21
C ASP A 298 22.83 -26.12 13.23
N LYS A 299 23.92 -26.53 13.92
CA LYS A 299 24.33 -27.92 13.96
C LYS A 299 23.27 -28.80 14.62
N THR A 300 22.64 -28.30 15.69
CA THR A 300 21.63 -29.06 16.40
C THR A 300 20.38 -29.26 15.54
N MET A 301 19.98 -28.21 14.84
CA MET A 301 18.81 -28.29 13.96
C MET A 301 19.02 -29.32 12.85
N TRP A 302 20.22 -29.40 12.30
CA TRP A 302 20.46 -30.40 11.27
C TRP A 302 20.49 -31.81 11.87
N GLU A 303 21.19 -31.99 13.00
CA GLU A 303 21.25 -33.31 13.63
C GLU A 303 19.88 -33.81 14.02
N GLN A 304 19.08 -32.95 14.66
CA GLN A 304 17.82 -33.35 15.26
C GLN A 304 16.68 -33.39 14.26
N LYS A 305 16.65 -32.45 13.32
CA LYS A 305 15.48 -32.25 12.49
C LYS A 305 15.75 -32.27 10.99
N LYS A 306 17.01 -32.37 10.57
CA LYS A 306 17.38 -32.20 9.16
C LYS A 306 16.75 -30.93 8.57
N LEU A 307 16.71 -29.87 9.37
CA LEU A 307 16.33 -28.54 8.90
C LEU A 307 17.57 -27.67 8.77
N PHE A 308 17.69 -26.98 7.65
CA PHE A 308 18.75 -26.03 7.35
C PHE A 308 18.36 -24.62 7.78
N PRO A 309 19.33 -23.74 8.03
CA PRO A 309 19.01 -22.32 8.23
C PRO A 309 18.63 -21.65 6.93
N ASN A 310 17.65 -20.76 6.98
CA ASN A 310 17.38 -19.99 5.79
C ASN A 310 18.15 -18.67 5.88
N ALA A 311 17.93 -17.81 4.89
CA ALA A 311 18.64 -16.54 4.78
C ALA A 311 18.64 -15.71 6.05
N ASP A 312 17.56 -15.78 6.83
CA ASP A 312 17.39 -14.85 7.95
C ASP A 312 18.30 -15.18 9.14
N PHE A 313 18.74 -16.44 9.29
CA PHE A 313 19.42 -16.84 10.52
C PHE A 313 20.78 -16.17 10.72
N TYR A 314 21.70 -16.30 9.78
CA TYR A 314 23.03 -15.69 10.00
C TYR A 314 23.03 -14.20 9.69
N HIS A 315 21.96 -13.72 9.07
CA HIS A 315 21.86 -12.27 8.86
C HIS A 315 21.73 -11.55 10.21
N ALA A 316 21.07 -12.20 11.17
CA ALA A 316 20.92 -11.54 12.48
C ALA A 316 22.30 -11.23 13.09
N SER A 317 23.17 -12.22 13.16
CA SER A 317 24.50 -11.97 13.75
C SER A 317 25.32 -10.99 12.88
N ALA A 318 25.27 -11.13 11.57
CA ALA A 318 26.05 -10.24 10.69
C ALA A 318 25.65 -8.79 10.94
N TYR A 319 24.35 -8.52 10.95
CA TYR A 319 23.93 -7.12 11.19
C TYR A 319 24.31 -6.68 12.62
N HIS A 320 24.20 -7.56 13.60
CA HIS A 320 24.52 -7.20 15.01
C HIS A 320 26.02 -6.85 15.16
N PHE A 321 26.87 -7.56 14.44
CA PHE A 321 28.33 -7.34 14.50
C PHE A 321 28.68 -6.02 13.82
N MET A 322 27.81 -5.57 12.93
CA MET A 322 27.99 -4.28 12.22
C MET A 322 27.40 -3.13 13.04
N GLY A 323 26.87 -3.40 14.23
CA GLY A 323 26.34 -2.37 15.15
C GLY A 323 24.95 -1.91 14.77
N ILE A 324 24.22 -2.70 14.01
CA ILE A 324 22.87 -2.33 13.51
C ILE A 324 21.80 -2.69 14.55
N PRO A 325 21.02 -1.70 15.04
CA PRO A 325 19.94 -1.99 15.96
C PRO A 325 18.97 -2.98 15.29
N THR A 326 18.46 -3.88 16.10
CA THR A 326 17.59 -4.92 15.58
C THR A 326 16.36 -4.35 14.87
N LYS A 327 15.80 -3.25 15.41
CA LYS A 327 14.58 -2.75 14.76
C LYS A 327 14.86 -2.10 13.40
N LEU A 328 16.13 -2.03 12.96
CA LEU A 328 16.40 -1.51 11.60
C LEU A 328 16.65 -2.65 10.60
N PHE A 329 16.48 -3.90 11.01
CA PHE A 329 16.79 -5.00 10.06
C PHE A 329 15.77 -5.01 8.92
N THR A 330 14.47 -4.92 9.23
CA THR A 330 13.46 -4.96 8.14
C THR A 330 13.60 -3.71 7.25
N PRO A 331 13.83 -2.51 7.79
CA PRO A 331 14.12 -1.36 6.96
C PRO A 331 15.31 -1.61 6.01
N ILE A 332 16.36 -2.28 6.46
CA ILE A 332 17.46 -2.62 5.53
C ILE A 332 16.93 -3.51 4.40
N PHE A 333 16.05 -4.46 4.71
CA PHE A 333 15.47 -5.34 3.69
C PHE A 333 14.68 -4.50 2.68
N VAL A 334 14.04 -3.45 3.17
CA VAL A 334 13.33 -2.52 2.24
C VAL A 334 14.33 -1.87 1.29
N CYS A 335 15.50 -1.50 1.78
CA CYS A 335 16.53 -0.84 0.93
C CYS A 335 17.00 -1.79 -0.18
N SER A 336 17.03 -3.09 0.11
CA SER A 336 17.46 -4.12 -0.85
C SER A 336 16.32 -4.53 -1.77
N ARG A 337 15.19 -4.91 -1.18
CA ARG A 337 14.03 -5.48 -1.91
C ARG A 337 13.28 -4.44 -2.76
N THR A 338 13.55 -3.16 -2.57
CA THR A 338 13.01 -2.10 -3.45
C THR A 338 13.42 -2.39 -4.90
N SER A 339 14.64 -2.87 -5.14
CA SER A 339 15.10 -3.27 -6.48
C SER A 339 14.15 -4.30 -7.09
N GLY A 340 13.95 -5.44 -6.45
CA GLY A 340 12.98 -6.41 -6.94
C GLY A 340 11.56 -5.85 -7.07
N TRP A 341 11.06 -5.14 -6.03
CA TRP A 341 9.70 -4.64 -6.13
C TRP A 341 9.49 -3.77 -7.36
N THR A 342 10.38 -2.78 -7.57
CA THR A 342 10.19 -1.87 -8.70
C THR A 342 10.34 -2.63 -10.01
N ALA A 343 11.25 -3.59 -10.07
CA ALA A 343 11.38 -4.36 -11.31
C ALA A 343 10.10 -5.13 -11.57
N HIS A 344 9.45 -5.63 -10.52
CA HIS A 344 8.18 -6.38 -10.69
C HIS A 344 7.09 -5.42 -11.19
N VAL A 345 7.11 -4.19 -10.71
CA VAL A 345 6.09 -3.20 -11.16
C VAL A 345 6.30 -2.93 -12.64
N PHE A 346 7.56 -2.81 -13.07
CA PHE A 346 7.77 -2.59 -14.51
C PHE A 346 7.21 -3.75 -15.33
N GLU A 347 7.35 -4.96 -14.81
CA GLU A 347 6.83 -6.11 -15.57
C GLU A 347 5.30 -6.06 -15.61
N GLN A 348 4.71 -5.68 -14.50
CA GLN A 348 3.24 -5.65 -14.48
C GLN A 348 2.74 -4.59 -15.47
N ARG A 349 3.38 -3.44 -15.49
CA ARG A 349 2.94 -2.34 -16.38
C ARG A 349 3.06 -2.74 -17.86
N ALA A 350 4.11 -3.45 -18.20
CA ALA A 350 4.35 -3.85 -19.61
C ALA A 350 3.39 -4.94 -20.07
N ASN A 351 2.82 -5.69 -19.14
CA ASN A 351 1.91 -6.77 -19.54
C ASN A 351 0.85 -6.83 -18.43
N ASN A 352 -0.11 -5.94 -18.51
CA ASN A 352 -1.05 -5.72 -17.39
C ASN A 352 -2.52 -6.11 -17.59
N ARG A 353 -3.14 -6.66 -16.54
CA ARG A 353 -4.60 -6.75 -16.39
C ARG A 353 -4.92 -6.39 -14.93
N ILE A 354 -5.92 -5.56 -14.64
CA ILE A 354 -6.22 -5.22 -13.23
C ILE A 354 -6.52 -6.52 -12.46
N ILE A 355 -5.90 -6.68 -11.30
CA ILE A 355 -6.08 -7.92 -10.50
C ILE A 355 -7.32 -7.75 -9.66
N ARG A 356 -8.33 -8.54 -9.98
CA ARG A 356 -9.62 -8.43 -9.31
C ARG A 356 -10.17 -9.84 -9.12
N PRO A 357 -9.91 -10.47 -7.98
CA PRO A 357 -10.35 -11.83 -7.72
C PRO A 357 -11.81 -11.87 -7.25
N SER A 358 -12.32 -13.08 -7.08
CA SER A 358 -13.71 -13.23 -6.60
C SER A 358 -13.74 -13.60 -5.12
N ALA A 359 -14.89 -13.40 -4.51
CA ALA A 359 -15.08 -13.78 -3.10
C ALA A 359 -16.15 -14.85 -3.01
N GLU A 360 -16.05 -15.70 -2.00
CA GLU A 360 -17.16 -16.60 -1.70
C GLU A 360 -18.01 -15.85 -0.67
N TYR A 361 -19.29 -15.65 -0.94
CA TYR A 361 -20.19 -14.95 -0.03
C TYR A 361 -20.70 -15.89 1.06
N THR A 362 -20.47 -15.51 2.31
CA THR A 362 -20.89 -16.32 3.45
C THR A 362 -21.86 -15.56 4.36
N GLY A 363 -22.40 -14.43 3.88
CA GLY A 363 -23.23 -13.59 4.69
C GLY A 363 -24.69 -13.97 4.59
N VAL A 364 -25.55 -13.07 5.08
CA VAL A 364 -26.96 -13.40 5.20
C VAL A 364 -27.69 -13.23 3.88
N GLU A 365 -28.86 -13.86 3.78
CA GLU A 365 -29.75 -13.70 2.64
C GLU A 365 -30.30 -12.28 2.60
N GLN A 366 -30.74 -11.85 1.42
CA GLN A 366 -31.30 -10.49 1.31
C GLN A 366 -32.45 -10.32 2.28
N ARG A 367 -32.56 -9.11 2.85
CA ARG A 367 -33.55 -8.87 3.90
C ARG A 367 -34.06 -7.45 3.82
N ALA A 368 -35.30 -7.28 4.31
CA ALA A 368 -35.93 -5.96 4.25
C ALA A 368 -35.26 -4.97 5.22
N PHE A 369 -35.24 -3.72 4.80
CA PHE A 369 -34.70 -2.66 5.62
C PHE A 369 -35.52 -2.50 6.90
N VAL A 370 -34.84 -2.28 8.02
CA VAL A 370 -35.53 -2.12 9.31
C VAL A 370 -35.38 -0.66 9.70
N PRO A 371 -36.46 0.10 9.88
CA PRO A 371 -36.29 1.51 10.26
C PRO A 371 -35.77 1.64 11.69
N LEU A 372 -35.13 2.78 11.94
CA LEU A 372 -34.38 3.00 13.18
C LEU A 372 -35.20 2.64 14.40
N GLU A 373 -36.49 3.02 14.44
CA GLU A 373 -37.31 2.85 15.64
C GLU A 373 -37.72 1.41 15.91
N GLN A 374 -37.54 0.50 14.95
CA GLN A 374 -37.88 -0.91 15.16
C GLN A 374 -36.66 -1.77 15.41
N ARG A 375 -35.48 -1.18 15.47
CA ARG A 375 -34.26 -1.95 15.80
C ARG A 375 -34.05 -2.26 17.30
N VAL B 6 -0.15 -13.61 -22.72
CA VAL B 6 -1.42 -13.56 -21.94
C VAL B 6 -1.66 -14.94 -21.30
N LEU B 7 -1.80 -14.94 -19.97
CA LEU B 7 -2.02 -16.17 -19.18
C LEU B 7 -3.50 -16.35 -18.95
N SER B 8 -3.93 -17.59 -18.96
CA SER B 8 -5.35 -17.91 -18.73
C SER B 8 -5.82 -17.35 -17.37
N GLY B 9 -4.99 -17.38 -16.34
CA GLY B 9 -5.46 -16.90 -15.03
C GLY B 9 -5.10 -15.45 -14.76
N ALA B 10 -4.78 -14.68 -15.80
CA ALA B 10 -4.40 -13.26 -15.62
C ALA B 10 -5.52 -12.47 -14.93
N GLY B 11 -5.15 -11.69 -13.92
CA GLY B 11 -6.08 -10.83 -13.17
C GLY B 11 -6.86 -11.54 -12.07
N LEU B 12 -6.74 -12.88 -12.01
CA LEU B 12 -7.46 -13.71 -11.00
C LEU B 12 -8.96 -13.61 -11.22
N ARG B 13 -9.39 -13.36 -12.45
CA ARG B 13 -10.83 -13.21 -12.73
C ARG B 13 -11.56 -14.51 -12.46
N GLY B 14 -12.55 -14.46 -11.57
CA GLY B 14 -13.37 -15.62 -11.20
C GLY B 14 -12.70 -16.57 -10.24
N GLN B 15 -11.50 -16.28 -9.77
CA GLN B 15 -10.83 -17.18 -8.80
C GLN B 15 -11.13 -16.70 -7.37
N VAL B 16 -11.61 -17.60 -6.52
CA VAL B 16 -11.93 -17.22 -5.13
C VAL B 16 -10.66 -16.90 -4.34
N ALA B 17 -10.56 -15.68 -3.84
CA ALA B 17 -9.38 -15.27 -3.08
C ALA B 17 -9.68 -15.27 -1.59
N GLY B 18 -10.94 -15.42 -1.22
CA GLY B 18 -11.31 -15.39 0.20
C GLY B 18 -12.80 -15.36 0.41
N GLN B 19 -13.19 -15.22 1.66
CA GLN B 19 -14.63 -15.25 2.00
C GLN B 19 -15.06 -13.91 2.58
N THR B 20 -16.30 -13.54 2.32
CA THR B 20 -16.85 -12.28 2.87
C THR B 20 -18.34 -12.39 3.18
N ALA B 21 -18.79 -11.71 4.22
CA ALA B 21 -20.21 -11.61 4.57
C ALA B 21 -20.65 -10.16 4.40
N LEU B 22 -19.77 -9.31 3.86
CA LEU B 22 -20.06 -7.85 3.83
C LEU B 22 -21.00 -7.41 2.72
N SER B 23 -20.82 -7.99 1.55
CA SER B 23 -21.60 -7.55 0.39
C SER B 23 -21.67 -8.55 -0.75
N THR B 24 -22.66 -8.38 -1.62
N THR B 24 -22.64 -8.35 -1.64
CA THR B 24 -22.81 -9.21 -2.86
CA THR B 24 -22.80 -9.22 -2.83
C THR B 24 -23.14 -8.26 -4.00
C THR B 24 -23.17 -8.29 -4.00
N VAL B 25 -22.46 -8.44 -5.12
CA VAL B 25 -22.66 -7.55 -6.30
C VAL B 25 -23.17 -8.32 -7.50
N GLY B 26 -24.24 -7.83 -8.12
CA GLY B 26 -24.71 -8.45 -9.36
C GLY B 26 -25.48 -9.74 -9.17
N GLN B 27 -25.87 -10.07 -7.94
CA GLN B 27 -26.65 -11.29 -7.75
C GLN B 27 -28.13 -10.99 -7.96
N GLU B 28 -28.90 -12.07 -8.10
CA GLU B 28 -30.33 -11.92 -8.32
C GLU B 28 -31.00 -11.23 -7.13
N GLY B 29 -32.07 -10.52 -7.42
CA GLY B 29 -32.67 -9.66 -6.43
C GLY B 29 -31.99 -8.32 -6.45
N ALA B 30 -31.73 -7.75 -5.27
CA ALA B 30 -31.03 -6.47 -5.18
C ALA B 30 -29.63 -6.60 -5.77
N GLY B 31 -29.31 -5.68 -6.69
CA GLY B 31 -28.05 -5.74 -7.40
C GLY B 31 -26.88 -5.52 -6.48
N LEU B 32 -27.07 -4.74 -5.42
CA LEU B 32 -25.97 -4.58 -4.46
C LEU B 32 -26.54 -4.59 -3.06
N THR B 33 -26.02 -5.45 -2.19
CA THR B 33 -26.42 -5.49 -0.80
C THR B 33 -25.21 -5.34 0.10
N TYR B 34 -25.47 -4.75 1.28
CA TYR B 34 -24.52 -4.66 2.38
C TYR B 34 -25.15 -5.44 3.54
N ARG B 35 -24.47 -6.49 3.98
CA ARG B 35 -25.02 -7.47 4.93
C ARG B 35 -26.50 -7.74 4.67
N GLY B 36 -26.82 -8.02 3.40
CA GLY B 36 -28.19 -8.41 3.03
C GLY B 36 -29.16 -7.25 2.74
N TYR B 37 -28.82 -6.02 3.12
CA TYR B 37 -29.70 -4.87 2.86
C TYR B 37 -29.41 -4.23 1.49
N ASP B 38 -30.47 -3.97 0.74
CA ASP B 38 -30.36 -3.32 -0.54
C ASP B 38 -29.72 -1.95 -0.37
N VAL B 39 -28.66 -1.67 -1.13
CA VAL B 39 -28.00 -0.37 -1.01
C VAL B 39 -28.95 0.77 -1.34
N ARG B 40 -29.92 0.55 -2.22
CA ARG B 40 -30.84 1.65 -2.52
C ARG B 40 -31.73 1.99 -1.32
N ASP B 41 -32.11 0.98 -0.52
CA ASP B 41 -32.86 1.26 0.72
C ASP B 41 -32.00 2.04 1.72
N LEU B 42 -30.75 1.60 1.91
CA LEU B 42 -29.87 2.27 2.85
C LEU B 42 -29.62 3.71 2.42
N ALA B 43 -29.38 3.94 1.13
CA ALA B 43 -29.06 5.29 0.68
C ALA B 43 -30.27 6.22 0.84
N ALA B 44 -31.48 5.69 0.68
CA ALA B 44 -32.66 6.53 0.83
C ALA B 44 -32.92 6.88 2.28
N ALA B 45 -32.74 5.93 3.19
CA ALA B 45 -33.32 6.09 4.52
C ALA B 45 -32.30 6.24 5.64
N ALA B 46 -31.00 6.09 5.38
CA ALA B 46 -30.03 6.13 6.46
C ALA B 46 -29.03 7.28 6.28
N ILE B 47 -28.32 7.61 7.36
CA ILE B 47 -27.11 8.42 7.22
C ILE B 47 -25.93 7.49 7.09
N PHE B 48 -24.83 8.03 6.57
CA PHE B 48 -23.65 7.18 6.35
C PHE B 48 -23.17 6.52 7.63
N GLU B 49 -23.32 7.18 8.78
CA GLU B 49 -22.87 6.54 10.01
C GLU B 49 -23.60 5.24 10.30
N GLU B 50 -24.89 5.12 9.94
CA GLU B 50 -25.61 3.86 10.14
C GLU B 50 -25.01 2.75 9.29
N VAL B 51 -24.60 3.09 8.08
CA VAL B 51 -23.99 2.12 7.17
C VAL B 51 -22.58 1.79 7.61
N ALA B 52 -21.78 2.78 8.03
CA ALA B 52 -20.46 2.43 8.56
C ALA B 52 -20.61 1.51 9.78
N TYR B 53 -21.59 1.80 10.63
CA TYR B 53 -21.83 0.98 11.80
C TYR B 53 -22.24 -0.44 11.39
N LEU B 54 -23.16 -0.55 10.44
CA LEU B 54 -23.51 -1.86 9.88
C LEU B 54 -22.30 -2.66 9.41
N LEU B 55 -21.41 -2.04 8.62
CA LEU B 55 -20.24 -2.77 8.10
C LEU B 55 -19.25 -3.12 9.20
N LEU B 56 -18.95 -2.17 10.09
CA LEU B 56 -17.88 -2.35 11.08
C LEU B 56 -18.33 -3.12 12.30
N TYR B 57 -19.60 -2.97 12.71
CA TYR B 57 -20.10 -3.55 13.95
C TYR B 57 -21.12 -4.66 13.73
N GLY B 58 -21.69 -4.80 12.52
CA GLY B 58 -22.40 -6.00 12.15
C GLY B 58 -23.91 -5.90 12.01
N GLU B 59 -24.54 -4.81 12.43
CA GLU B 59 -25.98 -4.69 12.43
C GLU B 59 -26.30 -3.23 12.29
N LEU B 60 -27.54 -2.93 11.85
CA LEU B 60 -27.96 -1.55 11.84
C LEU B 60 -28.12 -1.09 13.29
N PRO B 61 -27.66 0.10 13.64
CA PRO B 61 -27.72 0.55 15.04
C PRO B 61 -29.10 1.03 15.42
N ASN B 62 -29.47 0.81 16.69
CA ASN B 62 -30.69 1.44 17.19
C ASN B 62 -30.38 2.91 17.50
N LYS B 63 -31.40 3.67 17.89
N LYS B 63 -31.35 3.65 18.03
CA LYS B 63 -31.25 5.12 17.99
CA LYS B 63 -31.11 5.07 18.21
C LYS B 63 -30.19 5.51 19.03
C LYS B 63 -30.06 5.35 19.28
N GLN B 64 -30.15 4.79 20.15
N GLN B 64 -30.18 4.72 20.45
CA GLN B 64 -29.18 5.08 21.20
CA GLN B 64 -29.09 4.78 21.45
C GLN B 64 -27.76 4.60 20.81
C GLN B 64 -27.76 4.59 20.78
N GLN B 65 -27.62 3.47 20.08
CA GLN B 65 -26.32 3.10 19.51
C GLN B 65 -25.85 4.13 18.49
N LEU B 66 -26.75 4.61 17.63
CA LEU B 66 -26.39 5.59 16.62
C LEU B 66 -25.96 6.90 17.26
N ASP B 67 -26.73 7.40 18.24
CA ASP B 67 -26.34 8.64 18.92
C ASP B 67 -24.95 8.52 19.57
N ALA B 68 -24.68 7.39 20.20
CA ALA B 68 -23.38 7.15 20.83
C ALA B 68 -22.26 7.11 19.79
N TYR B 69 -22.53 6.48 18.65
CA TYR B 69 -21.55 6.43 17.57
C TYR B 69 -21.31 7.82 16.98
N LEU B 70 -22.35 8.59 16.79
CA LEU B 70 -22.18 9.97 16.32
C LEU B 70 -21.29 10.80 17.25
N LYS B 71 -21.56 10.70 18.53
CA LYS B 71 -20.79 11.40 19.51
C LYS B 71 -19.32 10.96 19.50
N LYS B 72 -19.09 9.68 19.36
CA LYS B 72 -17.75 9.19 19.29
C LYS B 72 -17.01 9.76 18.08
N LEU B 73 -17.63 9.66 16.92
CA LEU B 73 -16.96 10.18 15.73
C LEU B 73 -16.72 11.68 15.81
N GLN B 74 -17.70 12.42 16.37
CA GLN B 74 -17.58 13.88 16.48
C GLN B 74 -16.41 14.25 17.37
N GLY B 75 -16.03 13.39 18.31
CA GLY B 75 -14.89 13.67 19.15
C GLY B 75 -13.56 13.27 18.55
N GLN B 76 -13.58 12.74 17.33
CA GLN B 76 -12.38 12.23 16.69
C GLN B 76 -12.03 12.97 15.39
N ARG B 77 -12.52 14.20 15.22
CA ARG B 77 -12.36 14.90 13.95
C ARG B 77 -11.10 15.73 13.88
N ASP B 78 -10.55 16.16 15.02
CA ASP B 78 -9.42 17.08 14.98
C ASP B 78 -8.13 16.35 14.65
N LEU B 79 -7.18 17.09 14.08
CA LEU B 79 -5.93 16.40 13.71
C LEU B 79 -4.82 16.69 14.74
N PRO B 80 -3.93 15.76 15.04
CA PRO B 80 -2.80 16.10 15.91
C PRO B 80 -1.96 17.23 15.31
N GLN B 81 -1.34 17.99 16.19
CA GLN B 81 -0.53 19.12 15.74
C GLN B 81 0.56 18.65 14.76
N ALA B 82 1.26 17.56 15.10
CA ALA B 82 2.31 17.06 14.21
C ALA B 82 1.77 16.74 12.83
N LEU B 83 0.56 16.15 12.74
CA LEU B 83 -0.03 15.84 11.44
C LEU B 83 -0.36 17.11 10.66
N LYS B 84 -0.93 18.13 11.33
CA LYS B 84 -1.13 19.40 10.64
C LYS B 84 0.19 19.92 10.09
N GLU B 85 1.25 19.86 10.89
CA GLU B 85 2.55 20.37 10.43
C GLU B 85 3.05 19.58 9.22
N VAL B 86 2.80 18.27 9.18
CA VAL B 86 3.17 17.47 8.00
C VAL B 86 2.36 17.88 6.77
N LEU B 87 1.03 18.02 6.92
CA LEU B 87 0.21 18.37 5.76
C LEU B 87 0.59 19.74 5.22
N GLU B 88 1.06 20.65 6.07
CA GLU B 88 1.48 21.97 5.58
C GLU B 88 2.72 21.88 4.68
N ARG B 89 3.43 20.77 4.71
CA ARG B 89 4.64 20.63 3.92
C ARG B 89 4.44 19.79 2.68
N ILE B 90 3.21 19.31 2.43
CA ILE B 90 2.89 18.60 1.19
C ILE B 90 2.57 19.65 0.14
N PRO B 91 3.23 19.69 -1.03
CA PRO B 91 3.02 20.82 -1.96
C PRO B 91 1.57 20.94 -2.43
N LYS B 92 1.25 22.15 -2.84
CA LYS B 92 -0.03 22.47 -3.44
C LYS B 92 -0.35 21.60 -4.65
N ASP B 93 0.66 21.26 -5.44
CA ASP B 93 0.40 20.52 -6.67
C ASP B 93 0.45 19.01 -6.44
N ALA B 94 0.46 18.56 -5.20
CA ALA B 94 0.45 17.12 -4.96
C ALA B 94 -0.85 16.50 -5.45
N HIS B 95 -0.77 15.23 -5.87
CA HIS B 95 -1.99 14.48 -6.10
C HIS B 95 -2.75 14.37 -4.77
N PRO B 96 -4.00 14.79 -4.70
CA PRO B 96 -4.74 14.70 -3.43
C PRO B 96 -4.82 13.27 -2.87
N MET B 97 -4.76 12.25 -3.71
CA MET B 97 -4.76 10.88 -3.16
C MET B 97 -3.46 10.58 -2.41
N ASP B 98 -2.34 11.23 -2.82
CA ASP B 98 -1.07 11.06 -2.08
C ASP B 98 -1.14 11.78 -0.73
N VAL B 99 -1.94 12.85 -0.66
CA VAL B 99 -2.18 13.54 0.61
C VAL B 99 -2.93 12.61 1.57
N MET B 100 -4.00 11.96 1.10
CA MET B 100 -4.73 10.96 1.90
C MET B 100 -3.79 9.83 2.32
N ARG B 101 -3.03 9.29 1.38
CA ARG B 101 -2.09 8.21 1.69
C ARG B 101 -1.10 8.63 2.77
N THR B 102 -0.53 9.82 2.65
CA THR B 102 0.45 10.32 3.61
C THR B 102 -0.20 10.62 4.96
N GLY B 103 -1.43 11.17 4.96
CA GLY B 103 -2.09 11.42 6.24
C GLY B 103 -2.33 10.16 7.03
N ALA B 104 -2.82 9.11 6.35
CA ALA B 104 -2.99 7.82 6.99
C ALA B 104 -1.67 7.28 7.48
N SER B 105 -0.62 7.41 6.68
CA SER B 105 0.67 6.84 7.08
C SER B 105 1.19 7.53 8.35
N VAL B 106 1.11 8.85 8.39
CA VAL B 106 1.63 9.63 9.52
C VAL B 106 0.78 9.41 10.75
N LEU B 107 -0.55 9.34 10.59
CA LEU B 107 -1.41 9.12 11.75
C LEU B 107 -1.12 7.79 12.41
N GLY B 108 -0.76 6.77 11.63
CA GLY B 108 -0.34 5.49 12.19
C GLY B 108 0.90 5.55 13.07
N THR B 109 1.78 6.53 12.85
CA THR B 109 2.92 6.68 13.77
C THR B 109 2.53 7.46 15.02
N LEU B 110 1.48 8.26 14.95
CA LEU B 110 1.13 9.10 16.09
C LEU B 110 0.13 8.44 17.01
N GLU B 111 -0.79 7.66 16.44
CA GLU B 111 -1.85 6.96 17.17
C GLU B 111 -1.83 5.48 16.80
N PRO B 112 -0.75 4.77 17.17
CA PRO B 112 -0.56 3.41 16.62
C PRO B 112 -1.65 2.45 17.05
N GLU B 113 -1.91 1.48 16.18
CA GLU B 113 -2.72 0.30 16.51
C GLU B 113 -1.79 -0.71 17.18
N LEU B 114 -1.80 -0.69 18.51
CA LEU B 114 -0.88 -1.53 19.24
C LEU B 114 -1.41 -2.94 19.44
N SER B 115 -2.71 -3.16 19.27
CA SER B 115 -3.31 -4.47 19.38
C SER B 115 -4.50 -4.51 18.42
N PHE B 116 -4.84 -5.70 17.92
CA PHE B 116 -6.05 -5.73 17.09
C PHE B 116 -7.29 -5.45 17.92
N ASP B 117 -7.17 -5.45 19.25
CA ASP B 117 -8.28 -5.03 20.10
C ASP B 117 -8.73 -3.62 19.77
N GLN B 118 -7.82 -2.78 19.26
CA GLN B 118 -8.12 -1.39 18.93
C GLN B 118 -8.65 -1.20 17.53
N GLN B 119 -8.87 -2.29 16.77
CA GLN B 119 -9.01 -2.13 15.31
C GLN B 119 -10.25 -1.31 14.96
N ARG B 120 -11.37 -1.51 15.67
CA ARG B 120 -12.56 -0.69 15.36
C ARG B 120 -12.41 0.76 15.82
N ASP B 121 -11.66 1.03 16.90
CA ASP B 121 -11.35 2.41 17.27
C ASP B 121 -10.51 3.09 16.20
N VAL B 122 -9.56 2.36 15.58
CA VAL B 122 -8.73 2.97 14.55
C VAL B 122 -9.55 3.20 13.31
N ALA B 123 -10.43 2.26 12.95
CA ALA B 123 -11.27 2.51 11.76
C ALA B 123 -12.16 3.73 11.97
N ASP B 124 -12.73 3.87 13.19
CA ASP B 124 -13.60 5.02 13.47
C ASP B 124 -12.80 6.30 13.41
N ARG B 125 -11.57 6.29 13.93
CA ARG B 125 -10.72 7.47 13.85
C ARG B 125 -10.45 7.88 12.40
N LEU B 126 -10.15 6.91 11.52
CA LEU B 126 -9.94 7.26 10.12
C LEU B 126 -11.20 7.86 9.47
N LEU B 127 -12.37 7.25 9.75
CA LEU B 127 -13.61 7.78 9.19
C LEU B 127 -13.86 9.21 9.67
N ALA B 128 -13.54 9.52 10.91
CA ALA B 128 -13.74 10.85 11.47
C ALA B 128 -12.71 11.86 10.99
N ALA B 129 -11.45 11.42 10.82
CA ALA B 129 -10.37 12.37 10.53
C ALA B 129 -10.08 12.58 9.04
N PHE B 130 -10.46 11.63 8.17
CA PHE B 130 -10.11 11.78 6.76
C PHE B 130 -10.70 13.04 6.13
N PRO B 131 -11.93 13.49 6.46
CA PRO B 131 -12.39 14.74 5.86
C PRO B 131 -11.51 15.94 6.23
N ALA B 132 -10.99 15.98 7.45
CA ALA B 132 -10.05 17.04 7.82
C ALA B 132 -8.68 16.86 7.19
N ILE B 133 -8.16 15.62 7.12
CA ILE B 133 -6.87 15.46 6.43
C ILE B 133 -6.92 16.11 5.04
N MET B 134 -8.00 15.80 4.30
CA MET B 134 -8.16 16.29 2.93
C MET B 134 -8.28 17.81 2.88
N THR B 135 -9.23 18.37 3.66
CA THR B 135 -9.55 19.79 3.58
C THR B 135 -8.52 20.66 4.29
N TYR B 136 -7.87 20.17 5.36
CA TYR B 136 -6.85 21.00 5.99
C TYR B 136 -5.72 21.25 5.02
N TRP B 137 -5.28 20.19 4.32
CA TRP B 137 -4.23 20.36 3.31
C TRP B 137 -4.72 21.24 2.18
N TYR B 138 -5.95 20.98 1.69
CA TYR B 138 -6.38 21.67 0.49
C TYR B 138 -6.52 23.18 0.77
N ARG B 139 -7.19 23.54 1.86
CA ARG B 139 -7.40 24.98 2.09
C ARG B 139 -6.11 25.66 2.54
N PHE B 140 -5.20 24.94 3.21
CA PHE B 140 -3.91 25.54 3.53
C PHE B 140 -3.14 25.92 2.26
N THR B 141 -3.01 24.96 1.33
CA THR B 141 -2.19 25.20 0.14
C THR B 141 -2.90 26.05 -0.91
N HIS B 142 -4.23 25.95 -1.04
CA HIS B 142 -4.97 26.65 -2.09
C HIS B 142 -5.55 27.98 -1.63
N GLU B 143 -5.82 28.13 -0.32
CA GLU B 143 -6.37 29.38 0.21
C GLU B 143 -5.47 30.07 1.22
N GLY B 144 -4.35 29.45 1.61
CA GLY B 144 -3.43 30.00 2.60
C GLY B 144 -4.05 30.14 3.98
N GLN B 145 -4.97 29.25 4.34
CA GLN B 145 -5.73 29.29 5.59
C GLN B 145 -5.51 28.01 6.37
N ARG B 146 -5.25 28.12 7.68
CA ARG B 146 -5.30 26.95 8.57
C ARG B 146 -6.72 26.87 9.11
N ILE B 147 -7.40 25.75 8.90
CA ILE B 147 -8.82 25.70 9.23
C ILE B 147 -9.05 24.96 10.54
N ASP B 148 -10.19 25.29 11.17
CA ASP B 148 -10.76 24.47 12.23
C ASP B 148 -11.14 23.12 11.64
N CYS B 149 -10.68 22.06 12.28
CA CYS B 149 -10.99 20.70 11.86
C CYS B 149 -12.26 20.18 12.53
N ASN B 150 -12.83 20.96 13.45
CA ASN B 150 -14.14 20.66 14.00
C ASN B 150 -15.22 21.48 13.28
N SER B 151 -16.46 21.00 13.39
CA SER B 151 -17.59 21.75 12.86
C SER B 151 -18.83 21.42 13.68
N ASP B 152 -19.89 22.18 13.43
CA ASP B 152 -21.15 21.95 14.13
C ASP B 152 -22.03 20.91 13.45
N GLU B 153 -21.55 20.30 12.34
CA GLU B 153 -22.38 19.34 11.62
C GLU B 153 -22.32 17.99 12.32
N PRO B 154 -23.46 17.36 12.59
CA PRO B 154 -23.41 16.05 13.25
C PRO B 154 -22.93 14.88 12.39
N THR B 155 -23.14 14.87 11.07
CA THR B 155 -22.73 13.75 10.21
C THR B 155 -21.44 14.04 9.47
N ILE B 156 -20.72 12.94 9.13
CA ILE B 156 -19.51 13.01 8.31
C ILE B 156 -19.77 13.79 7.03
N GLY B 157 -20.86 13.46 6.32
CA GLY B 157 -21.17 14.12 5.06
C GLY B 157 -21.32 15.63 5.20
N GLY B 158 -22.05 16.09 6.23
CA GLY B 158 -22.15 17.54 6.42
C GLY B 158 -20.86 18.16 6.93
N HIS B 159 -20.16 17.46 7.85
CA HIS B 159 -18.88 17.94 8.35
C HIS B 159 -17.89 18.16 7.19
N PHE B 160 -17.84 17.24 6.21
CA PHE B 160 -16.94 17.46 5.06
C PHE B 160 -17.26 18.77 4.34
N LEU B 161 -18.55 19.06 4.14
CA LEU B 161 -18.90 20.28 3.42
C LEU B 161 -18.62 21.51 4.27
N ALA B 162 -18.81 21.39 5.59
CA ALA B 162 -18.50 22.55 6.42
C ALA B 162 -17.00 22.87 6.42
N LEU B 163 -16.15 21.82 6.43
CA LEU B 163 -14.71 22.06 6.36
C LEU B 163 -14.30 22.60 4.97
N LEU B 164 -14.91 22.09 3.91
CA LEU B 164 -14.48 22.49 2.58
C LEU B 164 -14.85 23.95 2.32
N HIS B 165 -16.05 24.36 2.71
CA HIS B 165 -16.54 25.67 2.32
C HIS B 165 -16.50 26.69 3.44
N GLY B 166 -16.28 26.25 4.68
CA GLY B 166 -16.21 27.21 5.77
C GLY B 166 -17.54 27.84 6.11
N LYS B 167 -18.65 27.17 5.83
CA LYS B 167 -19.96 27.70 6.14
C LYS B 167 -20.91 26.53 6.33
N LYS B 168 -22.08 26.81 6.92
CA LYS B 168 -23.06 25.76 7.15
C LYS B 168 -23.62 25.26 5.82
N PRO B 169 -23.57 23.95 5.54
CA PRO B 169 -24.15 23.46 4.28
C PRO B 169 -25.67 23.39 4.34
N SER B 170 -26.28 23.46 3.16
CA SER B 170 -27.72 23.27 3.03
C SER B 170 -28.12 21.84 3.35
N GLU B 171 -29.36 21.68 3.79
CA GLU B 171 -29.82 20.34 4.18
C GLU B 171 -29.82 19.39 2.98
N LEU B 172 -30.14 19.89 1.76
CA LEU B 172 -30.06 19.04 0.58
C LEU B 172 -28.63 18.59 0.36
N HIS B 173 -27.65 19.50 0.53
CA HIS B 173 -26.27 19.10 0.25
C HIS B 173 -25.78 18.07 1.27
N VAL B 174 -26.16 18.24 2.55
CA VAL B 174 -25.82 17.22 3.54
C VAL B 174 -26.42 15.87 3.14
N LYS B 175 -27.69 15.87 2.67
CA LYS B 175 -28.34 14.63 2.28
C LYS B 175 -27.55 13.96 1.16
N VAL B 176 -27.24 14.70 0.11
CA VAL B 176 -26.60 14.03 -1.03
C VAL B 176 -25.20 13.56 -0.66
N MET B 177 -24.46 14.29 0.18
CA MET B 177 -23.19 13.74 0.64
C MET B 177 -23.39 12.42 1.38
N ASN B 178 -24.40 12.36 2.28
CA ASN B 178 -24.68 11.08 2.95
C ASN B 178 -25.01 9.99 1.95
N VAL B 179 -25.85 10.31 0.95
CA VAL B 179 -26.21 9.32 -0.08
C VAL B 179 -24.94 8.80 -0.78
N SER B 180 -24.06 9.72 -1.20
CA SER B 180 -22.84 9.33 -1.93
C SER B 180 -21.96 8.44 -1.06
N LEU B 181 -21.78 8.81 0.20
CA LEU B 181 -20.89 8.00 1.04
C LEU B 181 -21.44 6.60 1.25
N ILE B 182 -22.77 6.48 1.35
CA ILE B 182 -23.38 5.15 1.43
C ILE B 182 -23.16 4.40 0.12
N LEU B 183 -23.41 5.06 -1.00
CA LEU B 183 -23.32 4.35 -2.30
C LEU B 183 -21.93 3.78 -2.59
N TYR B 184 -20.90 4.42 -2.08
CA TYR B 184 -19.54 3.97 -2.43
C TYR B 184 -18.91 3.15 -1.30
N ALA B 185 -19.62 2.98 -0.19
CA ALA B 185 -19.02 2.41 1.04
C ALA B 185 -18.33 1.06 0.84
N GLU B 186 -18.90 0.21 0.00
CA GLU B 186 -18.41 -1.17 -0.07
C GLU B 186 -18.74 -1.76 -1.44
N HIS B 187 -17.84 -2.57 -1.99
CA HIS B 187 -18.13 -3.18 -3.30
C HIS B 187 -17.35 -4.50 -3.46
N GLU B 188 -17.41 -5.30 -2.43
CA GLU B 188 -16.81 -6.65 -2.45
C GLU B 188 -15.31 -6.66 -2.79
N PHE B 189 -14.84 -7.57 -3.66
CA PHE B 189 -13.38 -7.76 -3.85
C PHE B 189 -12.74 -7.01 -5.03
N ASN B 190 -12.84 -5.71 -5.05
CA ASN B 190 -12.18 -4.94 -6.11
C ASN B 190 -10.68 -4.76 -5.78
N ALA B 191 -9.94 -4.12 -6.67
CA ALA B 191 -8.47 -4.03 -6.51
C ALA B 191 -7.99 -3.46 -5.17
N SER B 192 -8.63 -2.39 -4.69
CA SER B 192 -8.19 -1.75 -3.42
C SER B 192 -8.62 -2.57 -2.21
N THR B 193 -9.79 -3.17 -2.23
CA THR B 193 -10.18 -4.05 -1.11
C THR B 193 -9.25 -5.27 -1.11
N PHE B 194 -8.95 -5.78 -2.28
CA PHE B 194 -8.03 -6.93 -2.32
C PHE B 194 -6.65 -6.54 -1.78
N THR B 195 -6.17 -5.36 -2.13
CA THR B 195 -4.85 -4.90 -1.62
C THR B 195 -4.92 -4.83 -0.09
N ALA B 196 -6.00 -4.29 0.46
CA ALA B 196 -6.13 -4.21 1.92
C ALA B 196 -6.11 -5.60 2.56
N ARG B 197 -6.75 -6.58 1.92
CA ARG B 197 -6.83 -7.94 2.49
C ARG B 197 -5.48 -8.67 2.36
N VAL B 198 -4.77 -8.47 1.26
CA VAL B 198 -3.44 -9.10 1.11
C VAL B 198 -2.54 -8.57 2.23
N CYS B 199 -2.53 -7.26 2.43
CA CYS B 199 -1.75 -6.66 3.53
C CYS B 199 -2.24 -7.19 4.89
N ALA B 200 -3.55 -7.32 5.06
CA ALA B 200 -4.11 -7.82 6.33
C ALA B 200 -3.68 -9.25 6.63
N SER B 201 -3.49 -10.04 5.58
CA SER B 201 -3.10 -11.47 5.68
C SER B 201 -1.70 -11.65 6.26
N THR B 202 -0.84 -10.64 6.19
CA THR B 202 0.48 -10.74 6.84
C THR B 202 0.39 -10.30 8.31
N LEU B 203 -0.80 -9.92 8.81
CA LEU B 203 -1.04 -9.42 10.17
C LEU B 203 -0.42 -8.04 10.39
N SER B 204 -0.32 -7.25 9.30
CA SER B 204 0.13 -5.87 9.40
C SER B 204 -0.95 -5.02 10.08
N ASP B 205 -0.61 -3.78 10.38
CA ASP B 205 -1.53 -2.94 11.13
C ASP B 205 -2.54 -2.30 10.18
N LEU B 206 -3.61 -1.74 10.78
CA LEU B 206 -4.75 -1.25 10.01
C LEU B 206 -4.34 -0.06 9.15
N TYR B 207 -3.40 0.76 9.64
CA TYR B 207 -2.97 1.88 8.83
C TYR B 207 -2.23 1.44 7.59
N SER B 208 -1.37 0.42 7.68
CA SER B 208 -0.75 -0.13 6.48
C SER B 208 -1.78 -0.59 5.46
N CYS B 209 -2.82 -1.31 5.91
CA CYS B 209 -3.81 -1.86 4.97
C CYS B 209 -4.51 -0.74 4.22
N VAL B 210 -4.86 0.31 4.94
CA VAL B 210 -5.55 1.46 4.33
C VAL B 210 -4.62 2.22 3.40
N THR B 211 -3.38 2.44 3.83
N THR B 211 -3.36 2.46 3.81
CA THR B 211 -2.43 3.17 2.98
CA THR B 211 -2.47 3.21 2.91
C THR B 211 -2.20 2.42 1.67
C THR B 211 -2.17 2.42 1.65
N GLY B 212 -2.09 1.09 1.75
CA GLY B 212 -1.99 0.29 0.55
C GLY B 212 -3.22 0.42 -0.32
N ALA B 213 -4.42 0.34 0.30
CA ALA B 213 -5.67 0.42 -0.49
C ALA B 213 -5.76 1.76 -1.21
N ILE B 214 -5.36 2.84 -0.53
CA ILE B 214 -5.43 4.16 -1.15
C ILE B 214 -4.53 4.19 -2.39
N GLY B 215 -3.32 3.64 -2.25
CA GLY B 215 -2.42 3.60 -3.41
C GLY B 215 -3.00 2.88 -4.60
N SER B 216 -3.70 1.76 -4.36
CA SER B 216 -4.31 1.04 -5.48
C SER B 216 -5.47 1.81 -6.08
N LEU B 217 -6.24 2.49 -5.24
CA LEU B 217 -7.40 3.28 -5.72
C LEU B 217 -6.89 4.46 -6.55
N ARG B 218 -5.66 4.86 -6.36
CA ARG B 218 -5.09 6.00 -7.11
C ARG B 218 -4.89 5.65 -8.58
N GLY B 219 -4.73 4.38 -8.92
CA GLY B 219 -4.56 4.03 -10.33
C GLY B 219 -5.84 4.30 -11.14
N PRO B 220 -5.71 4.82 -12.38
CA PRO B 220 -6.84 5.14 -13.25
C PRO B 220 -7.69 3.98 -13.79
N LEU B 221 -7.25 2.75 -13.59
CA LEU B 221 -8.10 1.59 -13.95
C LEU B 221 -9.04 1.29 -12.77
N HIS B 222 -8.85 1.98 -11.67
CA HIS B 222 -9.66 1.69 -10.47
C HIS B 222 -10.32 2.96 -9.97
N GLY B 223 -9.55 3.96 -9.56
CA GLY B 223 -10.14 5.20 -9.08
C GLY B 223 -10.16 6.28 -10.14
N GLY B 224 -10.91 7.34 -9.86
CA GLY B 224 -10.91 8.54 -10.69
C GLY B 224 -11.90 8.57 -11.84
N ALA B 225 -12.80 7.60 -11.94
CA ALA B 225 -13.74 7.59 -13.08
C ALA B 225 -14.73 8.77 -12.96
N ASN B 226 -15.07 9.19 -11.74
CA ASN B 226 -16.04 10.31 -11.67
C ASN B 226 -15.34 11.63 -12.00
N GLU B 227 -14.03 11.70 -11.83
CA GLU B 227 -13.24 12.86 -12.26
C GLU B 227 -13.16 12.85 -13.80
N ALA B 228 -12.94 11.69 -14.39
CA ALA B 228 -12.96 11.61 -15.85
C ALA B 228 -14.32 12.00 -16.40
N ALA B 229 -15.41 11.56 -15.73
CA ALA B 229 -16.74 11.97 -16.22
C ALA B 229 -16.90 13.48 -16.14
N MET B 230 -16.44 14.09 -15.04
CA MET B 230 -16.49 15.53 -14.91
C MET B 230 -15.74 16.23 -16.03
N GLU B 231 -14.56 15.70 -16.38
CA GLU B 231 -13.77 16.34 -17.43
C GLU B 231 -14.42 16.20 -18.80
N LEU B 232 -15.27 15.21 -18.99
CA LEU B 232 -16.07 15.14 -20.22
C LEU B 232 -17.25 16.12 -20.20
N ILE B 233 -18.08 16.07 -19.16
CA ILE B 233 -19.34 16.85 -19.20
C ILE B 233 -19.05 18.35 -19.15
N GLU B 234 -17.95 18.77 -18.52
CA GLU B 234 -17.67 20.20 -18.37
C GLU B 234 -17.29 20.85 -19.70
N ARG B 235 -17.02 20.06 -20.73
CA ARG B 235 -16.58 20.57 -22.03
C ARG B 235 -17.67 21.27 -22.81
N PHE B 236 -18.93 21.07 -22.45
CA PHE B 236 -20.02 21.41 -23.37
C PHE B 236 -20.91 22.51 -22.82
N SER B 237 -21.30 23.46 -23.68
CA SER B 237 -22.16 24.54 -23.21
C SER B 237 -23.61 24.38 -23.65
N SER B 238 -23.93 23.29 -24.35
CA SER B 238 -25.31 22.95 -24.63
C SER B 238 -25.41 21.43 -24.75
N PRO B 239 -26.55 20.86 -24.41
CA PRO B 239 -26.70 19.40 -24.55
C PRO B 239 -26.61 18.95 -26.00
N GLN B 240 -26.91 19.82 -26.98
CA GLN B 240 -26.79 19.38 -28.37
C GLN B 240 -25.36 19.36 -28.83
N GLU B 241 -24.51 20.25 -28.30
CA GLU B 241 -23.07 20.15 -28.59
C GLU B 241 -22.49 18.87 -28.01
N ALA B 242 -22.91 18.51 -26.79
CA ALA B 242 -22.41 17.27 -26.19
C ALA B 242 -22.79 16.07 -27.03
N THR B 243 -24.02 16.05 -27.54
CA THR B 243 -24.43 14.92 -28.35
C THR B 243 -23.62 14.84 -29.64
N ALA B 244 -23.41 15.97 -30.33
CA ALA B 244 -22.70 15.89 -31.61
C ALA B 244 -21.25 15.45 -31.39
N GLU B 245 -20.64 15.91 -30.28
CA GLU B 245 -19.24 15.57 -30.05
C GLU B 245 -19.09 14.13 -29.58
N LEU B 246 -20.06 13.63 -28.82
CA LEU B 246 -19.99 12.24 -28.40
C LEU B 246 -20.11 11.30 -29.58
N LEU B 247 -20.94 11.67 -30.57
CA LEU B 247 -21.04 10.82 -31.75
C LEU B 247 -19.70 10.73 -32.46
N LYS B 248 -18.93 11.83 -32.51
CA LYS B 248 -17.58 11.75 -33.09
C LYS B 248 -16.63 10.93 -32.24
N MET B 249 -16.69 11.06 -30.90
CA MET B 249 -15.82 10.28 -30.06
C MET B 249 -16.10 8.78 -30.22
N LEU B 250 -17.37 8.41 -30.38
CA LEU B 250 -17.69 7.01 -30.54
C LEU B 250 -17.12 6.47 -31.86
N GLU B 251 -17.22 7.23 -32.96
CA GLU B 251 -16.58 6.82 -34.21
C GLU B 251 -15.07 6.57 -34.06
N ARG B 252 -14.39 7.35 -33.22
CA ARG B 252 -12.97 7.13 -32.96
C ARG B 252 -12.70 5.99 -32.01
N LYS B 253 -13.77 5.32 -31.55
CA LYS B 253 -13.66 4.27 -30.54
C LYS B 253 -13.03 4.78 -29.24
N ASP B 254 -13.29 6.05 -28.88
CA ASP B 254 -12.89 6.52 -27.56
C ASP B 254 -13.64 5.74 -26.50
N LYS B 255 -12.99 5.47 -25.39
CA LYS B 255 -13.66 4.83 -24.26
C LYS B 255 -14.28 5.93 -23.41
N ILE B 256 -15.58 5.81 -23.13
CA ILE B 256 -16.31 6.84 -22.42
C ILE B 256 -16.43 6.40 -20.97
N MET B 257 -15.74 7.09 -20.06
CA MET B 257 -15.77 6.66 -18.67
C MET B 257 -17.15 6.92 -18.08
N GLY B 258 -17.50 6.10 -17.09
CA GLY B 258 -18.82 6.27 -16.48
C GLY B 258 -19.92 5.41 -17.09
N PHE B 259 -19.60 4.56 -18.07
CA PHE B 259 -20.61 3.80 -18.77
C PHE B 259 -20.23 2.32 -18.80
N GLY B 260 -21.24 1.46 -18.69
CA GLY B 260 -21.01 0.02 -18.64
C GLY B 260 -20.47 -0.43 -17.33
N HIS B 261 -20.31 -1.75 -17.20
CA HIS B 261 -19.79 -2.27 -15.96
C HIS B 261 -19.26 -3.66 -16.22
N ALA B 262 -18.27 -4.08 -15.44
CA ALA B 262 -17.64 -5.41 -15.62
C ALA B 262 -18.46 -6.53 -14.98
N ILE B 263 -19.36 -6.18 -14.08
CA ILE B 263 -20.17 -7.15 -13.31
C ILE B 263 -21.67 -6.93 -13.51
N TYR B 264 -22.14 -5.69 -13.35
CA TYR B 264 -23.59 -5.40 -13.50
C TYR B 264 -24.01 -5.70 -14.94
N LYS B 265 -25.14 -6.36 -15.10
CA LYS B 265 -25.52 -6.79 -16.44
C LYS B 265 -26.45 -5.81 -17.13
N ASP B 266 -27.42 -5.23 -16.42
CA ASP B 266 -28.39 -4.35 -17.06
C ASP B 266 -28.41 -2.94 -16.50
N SER B 267 -27.98 -2.75 -15.26
CA SER B 267 -27.92 -1.42 -14.65
C SER B 267 -27.06 -1.53 -13.40
N ASP B 268 -26.49 -0.39 -13.00
CA ASP B 268 -25.76 -0.26 -11.75
C ASP B 268 -26.75 0.28 -10.74
N PRO B 269 -27.15 -0.48 -9.71
CA PRO B 269 -28.18 0.03 -8.78
C PRO B 269 -27.86 1.39 -8.20
N ARG B 270 -26.58 1.75 -8.11
CA ARG B 270 -26.20 3.03 -7.52
C ARG B 270 -26.53 4.19 -8.48
N ASN B 271 -26.63 3.93 -9.79
CA ASN B 271 -26.87 5.03 -10.74
C ASN B 271 -28.23 5.68 -10.55
N GLU B 272 -29.30 4.87 -10.45
CA GLU B 272 -30.63 5.46 -10.32
C GLU B 272 -30.71 6.37 -9.09
N VAL B 273 -30.04 5.97 -7.99
CA VAL B 273 -30.04 6.76 -6.77
C VAL B 273 -29.37 8.11 -7.00
N ILE B 274 -28.09 8.10 -7.44
CA ILE B 274 -27.38 9.36 -7.48
C ILE B 274 -27.91 10.25 -8.62
N LYS B 275 -28.39 9.66 -9.71
CA LYS B 275 -28.98 10.46 -10.79
C LYS B 275 -30.13 11.31 -10.27
N GLY B 276 -31.03 10.69 -9.49
CA GLY B 276 -32.14 11.42 -8.92
C GLY B 276 -31.72 12.57 -8.01
N TRP B 277 -30.70 12.32 -7.14
CA TRP B 277 -30.22 13.38 -6.28
C TRP B 277 -29.48 14.48 -7.05
N SER B 278 -28.77 14.14 -8.14
CA SER B 278 -28.12 15.16 -8.94
C SER B 278 -29.15 16.06 -9.62
N LYS B 279 -30.27 15.47 -10.03
CA LYS B 279 -31.34 16.30 -10.59
C LYS B 279 -31.89 17.28 -9.55
N GLN B 280 -32.11 16.83 -8.31
CA GLN B 280 -32.57 17.73 -7.25
C GLN B 280 -31.56 18.86 -6.99
N LEU B 281 -30.26 18.54 -6.96
CA LEU B 281 -29.25 19.57 -6.80
C LEU B 281 -29.26 20.55 -7.96
N ALA B 282 -29.40 20.05 -9.19
CA ALA B 282 -29.38 20.96 -10.34
C ALA B 282 -30.51 21.97 -10.21
N ASP B 283 -31.67 21.52 -9.77
CA ASP B 283 -32.80 22.43 -9.58
C ASP B 283 -32.53 23.42 -8.45
N GLU B 284 -31.99 22.95 -7.33
CA GLU B 284 -31.72 23.83 -6.19
C GLU B 284 -30.71 24.92 -6.55
N VAL B 285 -29.63 24.59 -7.26
CA VAL B 285 -28.58 25.58 -7.55
C VAL B 285 -28.88 26.38 -8.81
N GLY B 286 -29.95 26.07 -9.54
CA GLY B 286 -30.28 26.83 -10.73
C GLY B 286 -29.49 26.44 -11.95
N ASP B 287 -28.97 25.21 -12.00
CA ASP B 287 -28.23 24.80 -13.18
C ASP B 287 -29.15 24.61 -14.38
N LYS B 288 -28.73 25.11 -15.54
CA LYS B 288 -29.46 24.90 -16.78
C LYS B 288 -28.68 24.15 -17.83
N VAL B 289 -27.43 23.76 -17.55
CA VAL B 289 -26.62 23.13 -18.59
C VAL B 289 -26.06 21.77 -18.16
N LEU B 290 -25.49 21.68 -16.96
CA LEU B 290 -24.63 20.52 -16.66
C LEU B 290 -25.44 19.24 -16.55
N PHE B 291 -26.56 19.28 -15.82
CA PHE B 291 -27.41 18.11 -15.78
C PHE B 291 -27.99 17.78 -17.16
N ALA B 292 -28.45 18.80 -17.93
CA ALA B 292 -28.97 18.49 -19.27
C ALA B 292 -27.88 17.87 -20.17
N VAL B 293 -26.65 18.34 -20.05
CA VAL B 293 -25.52 17.76 -20.79
C VAL B 293 -25.34 16.30 -20.39
N SER B 294 -25.34 16.04 -19.09
CA SER B 294 -25.19 14.67 -18.63
C SER B 294 -26.29 13.79 -19.17
N GLU B 295 -27.55 14.26 -19.13
CA GLU B 295 -28.65 13.46 -19.65
C GLU B 295 -28.48 13.16 -21.12
N ALA B 296 -28.00 14.14 -21.89
CA ALA B 296 -27.88 13.91 -23.32
C ALA B 296 -26.80 12.88 -23.63
N ILE B 297 -25.69 12.93 -22.89
CA ILE B 297 -24.64 11.93 -23.05
C ILE B 297 -25.15 10.53 -22.68
N ASP B 298 -25.82 10.45 -21.54
CA ASP B 298 -26.52 9.23 -21.11
C ASP B 298 -27.42 8.67 -22.22
N LYS B 299 -28.36 9.50 -22.74
CA LYS B 299 -29.22 9.03 -23.83
C LYS B 299 -28.42 8.60 -25.06
N THR B 300 -27.41 9.39 -25.46
CA THR B 300 -26.65 9.03 -26.66
C THR B 300 -25.87 7.73 -26.43
N MET B 301 -25.34 7.52 -25.22
CA MET B 301 -24.62 6.27 -24.97
C MET B 301 -25.57 5.07 -25.02
N TRP B 302 -26.83 5.26 -24.61
CA TRP B 302 -27.73 4.14 -24.77
C TRP B 302 -28.04 3.92 -26.25
N GLU B 303 -28.39 4.99 -26.98
CA GLU B 303 -28.81 4.77 -28.37
C GLU B 303 -27.69 4.21 -29.23
N GLN B 304 -26.46 4.67 -29.01
CA GLN B 304 -25.39 4.23 -29.89
C GLN B 304 -24.68 2.96 -29.41
N LYS B 305 -24.50 2.76 -28.10
CA LYS B 305 -23.72 1.62 -27.61
C LYS B 305 -24.46 0.69 -26.66
N LYS B 306 -25.74 0.98 -26.37
CA LYS B 306 -26.50 0.22 -25.39
C LYS B 306 -25.72 0.04 -24.07
N LEU B 307 -25.07 1.10 -23.60
CA LEU B 307 -24.37 1.12 -22.31
C LEU B 307 -25.13 2.05 -21.37
N PHE B 308 -25.40 1.56 -20.19
CA PHE B 308 -26.04 2.26 -19.10
C PHE B 308 -24.97 3.04 -18.33
N PRO B 309 -25.34 4.12 -17.64
CA PRO B 309 -24.40 4.86 -16.85
C PRO B 309 -24.17 4.08 -15.55
N ASN B 310 -22.90 4.01 -15.16
CA ASN B 310 -22.58 3.38 -13.86
C ASN B 310 -22.61 4.46 -12.79
N ALA B 311 -22.29 4.06 -11.56
CA ALA B 311 -22.31 4.97 -10.39
C ALA B 311 -21.44 6.23 -10.60
N ASP B 312 -20.35 6.14 -11.33
CA ASP B 312 -19.45 7.28 -11.49
C ASP B 312 -20.04 8.43 -12.34
N PHE B 313 -21.00 8.18 -13.21
CA PHE B 313 -21.36 9.26 -14.16
C PHE B 313 -22.11 10.44 -13.52
N TYR B 314 -23.23 10.20 -12.86
CA TYR B 314 -23.98 11.32 -12.28
C TYR B 314 -23.38 11.79 -10.96
N HIS B 315 -22.41 11.07 -10.40
CA HIS B 315 -21.69 11.61 -9.27
C HIS B 315 -20.93 12.86 -9.66
N ALA B 316 -20.41 12.91 -10.92
CA ALA B 316 -19.64 14.09 -11.36
C ALA B 316 -20.44 15.37 -11.20
N SER B 317 -21.63 15.41 -11.83
CA SER B 317 -22.47 16.60 -11.69
C SER B 317 -22.92 16.83 -10.24
N ALA B 318 -23.29 15.77 -9.50
CA ALA B 318 -23.74 15.98 -8.11
C ALA B 318 -22.67 16.69 -7.28
N TYR B 319 -21.42 16.19 -7.33
CA TYR B 319 -20.36 16.82 -6.57
C TYR B 319 -20.11 18.25 -7.03
N HIS B 320 -20.16 18.48 -8.35
CA HIS B 320 -19.92 19.81 -8.87
C HIS B 320 -20.96 20.79 -8.37
N PHE B 321 -22.22 20.37 -8.29
CA PHE B 321 -23.25 21.27 -7.80
C PHE B 321 -23.02 21.61 -6.32
N MET B 322 -22.34 20.74 -5.56
CA MET B 322 -22.05 21.05 -4.17
C MET B 322 -20.75 21.83 -4.01
N GLY B 323 -20.17 22.31 -5.11
CA GLY B 323 -18.98 23.13 -5.04
C GLY B 323 -17.67 22.39 -4.86
N ILE B 324 -17.65 21.08 -5.09
CA ILE B 324 -16.49 20.25 -4.77
C ILE B 324 -15.50 20.28 -5.92
N PRO B 325 -14.25 20.71 -5.72
CA PRO B 325 -13.23 20.64 -6.79
C PRO B 325 -13.06 19.21 -7.29
N THR B 326 -12.84 19.10 -8.60
CA THR B 326 -12.79 17.79 -9.23
C THR B 326 -11.70 16.91 -8.64
N LYS B 327 -10.54 17.49 -8.33
CA LYS B 327 -9.47 16.62 -7.80
C LYS B 327 -9.73 16.15 -6.39
N LEU B 328 -10.83 16.56 -5.77
CA LEU B 328 -11.14 16.00 -4.43
C LEU B 328 -12.18 14.88 -4.55
N PHE B 329 -12.58 14.49 -5.75
CA PHE B 329 -13.61 13.41 -5.84
C PHE B 329 -13.08 12.06 -5.38
N THR B 330 -11.89 11.66 -5.80
CA THR B 330 -11.43 10.33 -5.36
C THR B 330 -11.16 10.36 -3.86
N PRO B 331 -10.59 11.43 -3.28
CA PRO B 331 -10.48 11.52 -1.82
C PRO B 331 -11.83 11.35 -1.08
N ILE B 332 -12.93 11.85 -1.63
CA ILE B 332 -14.27 11.60 -1.03
C ILE B 332 -14.57 10.10 -1.05
N PHE B 333 -14.21 9.45 -2.14
CA PHE B 333 -14.36 7.98 -2.26
C PHE B 333 -13.57 7.31 -1.12
N VAL B 334 -12.37 7.79 -0.82
CA VAL B 334 -11.58 7.23 0.31
C VAL B 334 -12.36 7.39 1.63
N CYS B 335 -12.94 8.57 1.85
CA CYS B 335 -13.68 8.77 3.10
C CYS B 335 -14.83 7.79 3.25
N SER B 336 -15.48 7.42 2.14
CA SER B 336 -16.54 6.42 2.12
C SER B 336 -15.99 5.00 2.25
N ARG B 337 -15.12 4.63 1.33
CA ARG B 337 -14.73 3.23 1.17
C ARG B 337 -13.82 2.74 2.30
N THR B 338 -13.29 3.67 3.10
CA THR B 338 -12.57 3.27 4.32
C THR B 338 -13.46 2.37 5.18
N SER B 339 -14.79 2.58 5.17
CA SER B 339 -15.66 1.70 5.95
C SER B 339 -15.57 0.27 5.43
N GLY B 340 -15.75 0.06 4.14
CA GLY B 340 -15.63 -1.29 3.61
C GLY B 340 -14.24 -1.86 3.76
N TRP B 341 -13.21 -1.03 3.50
CA TRP B 341 -11.84 -1.56 3.56
C TRP B 341 -11.55 -2.08 4.94
N THR B 342 -11.86 -1.27 5.97
CA THR B 342 -11.47 -1.71 7.30
C THR B 342 -12.31 -2.92 7.72
N ALA B 343 -13.56 -2.96 7.28
CA ALA B 343 -14.40 -4.13 7.61
C ALA B 343 -13.82 -5.40 6.96
N HIS B 344 -13.29 -5.28 5.76
CA HIS B 344 -12.68 -6.44 5.08
C HIS B 344 -11.41 -6.85 5.82
N VAL B 345 -10.67 -5.87 6.34
CA VAL B 345 -9.46 -6.23 7.11
C VAL B 345 -9.89 -7.02 8.36
N PHE B 346 -10.94 -6.58 9.03
CA PHE B 346 -11.30 -7.36 10.23
C PHE B 346 -11.71 -8.78 9.84
N GLU B 347 -12.35 -8.96 8.68
CA GLU B 347 -12.71 -10.31 8.28
C GLU B 347 -11.47 -11.16 8.00
N GLN B 348 -10.49 -10.56 7.30
CA GLN B 348 -9.26 -11.27 6.99
C GLN B 348 -8.55 -11.69 8.27
N ARG B 349 -8.55 -10.81 9.27
CA ARG B 349 -7.87 -11.13 10.54
C ARG B 349 -8.56 -12.24 11.31
N ALA B 350 -9.87 -12.32 11.21
CA ALA B 350 -10.64 -13.32 11.93
C ALA B 350 -10.60 -14.67 11.26
N ASN B 351 -10.31 -14.71 9.96
CA ASN B 351 -10.38 -15.91 9.13
C ASN B 351 -9.33 -15.73 8.04
N ASN B 352 -8.07 -15.96 8.42
CA ASN B 352 -6.93 -15.54 7.59
C ASN B 352 -6.60 -16.62 6.56
N ARG B 353 -7.50 -16.69 5.60
CA ARG B 353 -7.41 -17.57 4.43
C ARG B 353 -7.32 -16.66 3.21
N ILE B 354 -6.36 -16.88 2.36
CA ILE B 354 -6.22 -16.02 1.15
C ILE B 354 -5.51 -16.83 0.07
N ILE B 355 -5.73 -16.45 -1.18
CA ILE B 355 -5.07 -17.09 -2.33
C ILE B 355 -3.59 -16.69 -2.28
N ARG B 356 -2.69 -17.58 -2.66
CA ARG B 356 -1.26 -17.21 -2.71
C ARG B 356 -0.83 -17.49 -4.15
N PRO B 357 -0.89 -16.50 -5.05
CA PRO B 357 -0.57 -16.75 -6.42
C PRO B 357 0.91 -17.11 -6.65
N SER B 358 1.11 -17.90 -7.70
CA SER B 358 2.47 -18.30 -8.14
C SER B 358 2.75 -17.62 -9.48
N ALA B 359 3.98 -17.66 -9.91
CA ALA B 359 4.33 -17.02 -11.18
C ALA B 359 4.80 -18.08 -12.16
N GLU B 360 4.65 -17.74 -13.43
CA GLU B 360 5.22 -18.56 -14.50
C GLU B 360 6.52 -17.86 -14.91
N TYR B 361 7.67 -18.55 -14.87
CA TYR B 361 8.97 -17.95 -15.28
C TYR B 361 9.09 -17.87 -16.80
N THR B 362 9.45 -16.69 -17.31
CA THR B 362 9.56 -16.43 -18.77
C THR B 362 10.91 -15.79 -19.06
N GLY B 363 11.84 -15.95 -18.13
CA GLY B 363 13.17 -15.34 -18.22
C GLY B 363 14.16 -16.21 -18.96
N VAL B 364 15.42 -15.86 -18.80
CA VAL B 364 16.49 -16.55 -19.51
C VAL B 364 16.95 -17.78 -18.75
N GLU B 365 17.57 -18.71 -19.45
CA GLU B 365 18.14 -19.86 -18.78
C GLU B 365 19.36 -19.44 -17.96
N GLN B 366 19.73 -20.31 -17.01
CA GLN B 366 20.89 -20.08 -16.17
C GLN B 366 22.13 -19.76 -16.99
N ARG B 367 22.88 -18.77 -16.53
CA ARG B 367 24.08 -18.35 -17.29
C ARG B 367 25.23 -18.05 -16.33
N ALA B 368 26.44 -18.30 -16.80
CA ALA B 368 27.61 -18.10 -15.93
C ALA B 368 27.83 -16.61 -15.69
N PHE B 369 28.30 -16.27 -14.50
CA PHE B 369 28.59 -14.86 -14.13
C PHE B 369 29.80 -14.35 -14.91
N VAL B 370 29.72 -13.11 -15.35
CA VAL B 370 30.79 -12.45 -16.13
C VAL B 370 31.40 -11.36 -15.27
N PRO B 371 32.73 -11.30 -15.09
CA PRO B 371 33.31 -10.26 -14.26
C PRO B 371 33.14 -8.85 -14.85
N LEU B 372 33.18 -7.84 -14.01
CA LEU B 372 32.99 -6.44 -14.46
C LEU B 372 33.87 -6.05 -15.66
N GLU B 373 35.14 -6.46 -15.72
CA GLU B 373 35.97 -5.93 -16.84
C GLU B 373 35.84 -6.81 -18.10
N GLN B 374 35.16 -7.92 -17.97
CA GLN B 374 34.95 -8.85 -19.11
C GLN B 374 33.59 -8.56 -19.75
N ARG B 375 32.94 -7.47 -19.33
CA ARG B 375 31.65 -7.03 -19.86
C ARG B 375 31.86 -5.88 -20.88
C1 GOL C . 14.24 -10.96 6.88
O1 GOL C . 13.47 -11.62 7.85
C2 GOL C . 13.42 -9.85 6.31
O2 GOL C . 12.11 -10.33 6.02
C3 GOL C . 13.42 -8.63 7.20
O3 GOL C . 12.57 -8.79 8.31
C1 GOL D . 12.40 10.92 -11.07
O1 GOL D . 12.22 11.36 -12.41
C2 GOL D . 12.57 12.05 -10.09
O2 GOL D . 11.34 12.74 -9.92
C3 GOL D . 13.06 11.61 -8.73
O3 GOL D . 13.85 12.60 -8.11
C1 GOL E . -6.73 9.13 -9.25
O1 GOL E . -7.79 9.61 -8.46
C2 GOL E . -6.97 9.65 -10.63
O2 GOL E . -6.35 10.91 -10.79
C3 GOL E . -6.63 8.67 -11.72
O3 GOL E . -7.43 8.94 -12.87
C1 GOL F . -13.94 4.96 -9.09
C1 GOL F . -14.69 5.05 -8.27
O1 GOL F . -13.39 5.07 -10.39
O1 GOL F . -14.89 4.05 -9.26
C2 GOL F . -14.43 6.29 -8.55
C2 GOL F . -14.06 6.31 -8.81
O2 GOL F . -15.00 7.05 -9.61
O2 GOL F . -15.03 7.03 -9.57
C3 GOL F . -13.40 7.08 -7.78
C3 GOL F . -13.46 7.20 -7.73
O3 GOL F . -13.38 8.47 -8.11
O3 GOL F . -13.36 8.56 -8.12
C1 GOL G . -18.43 24.11 -14.81
O1 GOL G . -17.36 25.04 -14.79
C2 GOL G . -19.79 24.75 -14.60
O2 GOL G . -20.82 23.77 -14.45
C3 GOL G . -19.81 25.77 -13.48
O3 GOL G . -20.77 25.51 -12.46
CL CL H . -11.85 6.06 17.67
#